data_2KRU
#
_entry.id   2KRU
#
_entity_poly.entity_id   1
_entity_poly.type   'polypeptide(L)'
_entity_poly.pdbx_seq_one_letter_code
;MGELSWTAEAEKMLGKVPFFVRKKVRKNTDNYAREIGEPVVTADVFRKAKEHLGGLEHHHHHH
;
_entity_poly.pdbx_strand_id   A
#
# COMPACT_ATOMS: atom_id res chain seq x y z
N MET A 1 17.94 -8.47 2.99
CA MET A 1 16.53 -8.58 3.42
C MET A 1 16.14 -7.36 4.25
N GLY A 2 15.52 -6.39 3.60
CA GLY A 2 15.07 -5.19 4.27
C GLY A 2 13.67 -4.82 3.85
N GLU A 3 12.95 -5.80 3.33
CA GLU A 3 11.60 -5.59 2.85
C GLU A 3 10.61 -6.23 3.82
N LEU A 4 9.40 -5.71 3.86
CA LEU A 4 8.35 -6.29 4.68
C LEU A 4 7.72 -7.49 3.98
N SER A 5 6.80 -8.15 4.67
CA SER A 5 6.09 -9.26 4.09
C SER A 5 4.86 -8.77 3.35
N TRP A 6 4.79 -9.08 2.06
CA TRP A 6 3.68 -8.64 1.24
C TRP A 6 2.76 -9.80 0.92
N THR A 7 1.46 -9.57 1.10
CA THR A 7 0.47 -10.60 0.87
C THR A 7 -0.16 -10.44 -0.51
N ALA A 8 -0.72 -11.53 -1.03
CA ALA A 8 -1.36 -11.52 -2.34
C ALA A 8 -2.54 -10.55 -2.38
N GLU A 9 -3.12 -10.29 -1.22
CA GLU A 9 -4.25 -9.38 -1.09
C GLU A 9 -3.82 -7.94 -1.44
N ALA A 10 -2.69 -7.52 -0.87
CA ALA A 10 -2.19 -6.18 -1.12
C ALA A 10 -1.62 -6.06 -2.54
N GLU A 11 -0.90 -7.10 -2.96
CA GLU A 11 -0.27 -7.10 -4.27
C GLU A 11 -1.31 -7.15 -5.39
N LYS A 12 -2.45 -7.77 -5.12
CA LYS A 12 -3.55 -7.81 -6.09
C LYS A 12 -4.03 -6.40 -6.44
N MET A 13 -4.01 -5.52 -5.44
CA MET A 13 -4.39 -4.13 -5.65
C MET A 13 -3.26 -3.34 -6.28
N LEU A 14 -2.02 -3.68 -5.90
CA LEU A 14 -0.85 -3.01 -6.45
C LEU A 14 -0.65 -3.37 -7.91
N GLY A 15 -1.11 -4.56 -8.28
CA GLY A 15 -1.02 -5.02 -9.67
C GLY A 15 -1.92 -4.22 -10.60
N LYS A 16 -2.81 -3.42 -10.02
CA LYS A 16 -3.69 -2.57 -10.80
C LYS A 16 -3.02 -1.21 -11.04
N VAL A 17 -1.82 -1.08 -10.52
CA VAL A 17 -1.06 0.16 -10.61
C VAL A 17 0.09 -0.02 -11.61
N PRO A 18 0.26 0.94 -12.53
CA PRO A 18 1.36 0.91 -13.52
C PRO A 18 2.72 0.68 -12.88
N PHE A 19 3.57 -0.08 -13.57
CA PHE A 19 4.86 -0.51 -13.03
C PHE A 19 5.75 0.66 -12.61
N PHE A 20 5.60 1.82 -13.24
CA PHE A 20 6.48 2.95 -12.96
C PHE A 20 6.03 3.73 -11.73
N VAL A 21 4.84 3.41 -11.21
CA VAL A 21 4.36 4.04 -9.99
C VAL A 21 4.11 3.01 -8.89
N ARG A 22 4.33 1.74 -9.22
CA ARG A 22 4.20 0.67 -8.23
C ARG A 22 5.20 0.87 -7.10
N LYS A 23 6.40 1.27 -7.47
CA LYS A 23 7.47 1.42 -6.50
C LYS A 23 7.18 2.61 -5.58
N LYS A 24 6.49 3.61 -6.12
CA LYS A 24 6.09 4.78 -5.36
C LYS A 24 5.15 4.36 -4.22
N VAL A 25 4.19 3.50 -4.54
CA VAL A 25 3.26 3.00 -3.55
C VAL A 25 3.91 1.96 -2.65
N ARG A 26 4.55 0.96 -3.26
CA ARG A 26 5.08 -0.19 -2.53
C ARG A 26 6.14 0.21 -1.50
N LYS A 27 7.03 1.11 -1.89
CA LYS A 27 8.06 1.58 -0.98
C LYS A 27 7.46 2.45 0.12
N ASN A 28 6.43 3.21 -0.23
CA ASN A 28 5.76 4.09 0.72
C ASN A 28 5.04 3.25 1.76
N THR A 29 4.33 2.22 1.30
CA THR A 29 3.64 1.30 2.20
C THR A 29 4.62 0.54 3.07
N ASP A 30 5.77 0.21 2.50
CA ASP A 30 6.82 -0.48 3.25
C ASP A 30 7.20 0.37 4.45
N ASN A 31 7.43 1.65 4.20
CA ASN A 31 7.77 2.58 5.27
C ASN A 31 6.56 2.83 6.18
N TYR A 32 5.37 2.79 5.61
CA TYR A 32 4.15 3.07 6.37
C TYR A 32 3.89 1.98 7.40
N ALA A 33 3.96 0.74 6.96
CA ALA A 33 3.69 -0.40 7.83
C ALA A 33 4.72 -0.46 8.96
N ARG A 34 5.96 -0.17 8.64
CA ARG A 34 7.02 -0.15 9.67
C ARG A 34 6.75 0.96 10.67
N GLU A 35 6.25 2.08 10.17
CA GLU A 35 5.94 3.21 11.02
C GLU A 35 4.85 2.87 12.02
N ILE A 36 3.83 2.14 11.57
CA ILE A 36 2.71 1.78 12.42
C ILE A 36 3.02 0.51 13.24
N GLY A 37 4.02 -0.24 12.83
CA GLY A 37 4.42 -1.43 13.56
C GLY A 37 3.82 -2.70 13.00
N GLU A 38 3.74 -2.77 11.68
CA GLU A 38 3.17 -3.93 11.00
C GLU A 38 4.21 -4.54 10.07
N PRO A 39 4.68 -5.76 10.38
CA PRO A 39 5.68 -6.46 9.54
C PRO A 39 5.09 -7.01 8.25
N VAL A 40 3.77 -7.20 8.24
CA VAL A 40 3.11 -7.82 7.09
C VAL A 40 2.09 -6.88 6.46
N VAL A 41 2.36 -6.44 5.24
CA VAL A 41 1.45 -5.56 4.52
C VAL A 41 0.28 -6.36 3.97
N THR A 42 -0.87 -6.21 4.58
CA THR A 42 -2.07 -6.87 4.15
C THR A 42 -2.96 -5.92 3.35
N ALA A 43 -4.14 -6.39 2.95
CA ALA A 43 -5.09 -5.56 2.23
C ALA A 43 -5.58 -4.42 3.13
N ASP A 44 -5.73 -4.74 4.42
CA ASP A 44 -6.16 -3.75 5.40
C ASP A 44 -5.09 -2.68 5.59
N VAL A 45 -3.84 -3.11 5.69
CA VAL A 45 -2.72 -2.19 5.83
C VAL A 45 -2.58 -1.30 4.59
N PHE A 46 -2.68 -1.92 3.41
CA PHE A 46 -2.61 -1.19 2.15
C PHE A 46 -3.76 -0.19 2.08
N ARG A 47 -4.93 -0.61 2.56
CA ARG A 47 -6.11 0.24 2.60
C ARG A 47 -5.86 1.47 3.46
N LYS A 48 -5.37 1.24 4.69
CA LYS A 48 -5.07 2.32 5.62
C LYS A 48 -3.97 3.22 5.07
N ALA A 49 -2.97 2.61 4.45
CA ALA A 49 -1.88 3.36 3.84
C ALA A 49 -2.40 4.23 2.71
N LYS A 50 -3.26 3.67 1.88
CA LYS A 50 -3.83 4.39 0.76
C LYS A 50 -4.63 5.59 1.25
N GLU A 51 -5.48 5.37 2.24
CA GLU A 51 -6.27 6.46 2.83
C GLU A 51 -5.35 7.51 3.45
N HIS A 52 -4.24 7.06 4.02
CA HIS A 52 -3.29 7.96 4.67
C HIS A 52 -2.58 8.83 3.64
N LEU A 53 -2.18 8.22 2.53
CA LEU A 53 -1.43 8.94 1.50
C LEU A 53 -2.37 9.78 0.64
N GLY A 54 -3.52 9.22 0.33
CA GLY A 54 -4.49 9.89 -0.50
C GLY A 54 -5.62 8.96 -0.91
N GLY A 55 -6.53 8.70 0.01
CA GLY A 55 -7.66 7.84 -0.28
C GLY A 55 -8.82 8.63 -0.83
N LEU A 56 -8.71 8.99 -2.11
CA LEU A 56 -9.71 9.82 -2.74
C LEU A 56 -10.74 8.98 -3.49
N GLU A 57 -10.44 7.70 -3.66
CA GLU A 57 -11.37 6.79 -4.31
C GLU A 57 -12.60 6.57 -3.43
N HIS A 58 -13.77 6.44 -4.06
CA HIS A 58 -15.00 6.26 -3.31
C HIS A 58 -15.66 4.93 -3.68
N HIS A 59 -15.44 3.93 -2.84
CA HIS A 59 -16.04 2.62 -3.00
C HIS A 59 -16.26 2.02 -1.62
N HIS A 60 -17.11 2.67 -0.84
CA HIS A 60 -17.33 2.30 0.56
C HIS A 60 -18.21 1.05 0.66
N HIS A 61 -18.99 0.78 -0.39
CA HIS A 61 -19.86 -0.38 -0.39
C HIS A 61 -19.26 -1.50 -1.22
N HIS A 62 -18.59 -2.43 -0.56
CA HIS A 62 -17.98 -3.56 -1.25
C HIS A 62 -18.86 -4.80 -1.08
N HIS A 63 -19.36 -4.98 0.14
CA HIS A 63 -20.22 -6.11 0.48
C HIS A 63 -19.47 -7.42 0.37
N MET A 1 16.24 -6.47 6.40
CA MET A 1 15.34 -6.60 5.22
C MET A 1 14.74 -5.24 4.86
N GLY A 2 15.02 -4.78 3.65
CA GLY A 2 14.50 -3.51 3.20
C GLY A 2 13.14 -3.65 2.54
N GLU A 3 12.51 -4.79 2.79
CA GLU A 3 11.19 -5.06 2.25
C GLU A 3 10.39 -5.91 3.23
N LEU A 4 9.14 -5.52 3.45
CA LEU A 4 8.26 -6.28 4.33
C LEU A 4 7.52 -7.36 3.57
N SER A 5 6.77 -8.17 4.29
CA SER A 5 6.03 -9.26 3.69
C SER A 5 4.75 -8.75 3.03
N TRP A 6 4.76 -8.70 1.71
CA TRP A 6 3.58 -8.28 0.96
C TRP A 6 2.68 -9.47 0.65
N THR A 7 1.44 -9.38 1.09
CA THR A 7 0.47 -10.44 0.89
C THR A 7 -0.05 -10.43 -0.54
N ALA A 8 -0.79 -11.48 -0.90
CA ALA A 8 -1.38 -11.58 -2.23
C ALA A 8 -2.43 -10.49 -2.43
N GLU A 9 -3.16 -10.20 -1.37
CA GLU A 9 -4.18 -9.16 -1.40
C GLU A 9 -3.57 -7.77 -1.58
N ALA A 10 -2.47 -7.52 -0.86
CA ALA A 10 -1.77 -6.25 -0.98
C ALA A 10 -1.20 -6.09 -2.39
N GLU A 11 -0.49 -7.13 -2.84
CA GLU A 11 0.07 -7.16 -4.20
C GLU A 11 -1.02 -7.05 -5.26
N LYS A 12 -2.20 -7.57 -4.94
CA LYS A 12 -3.34 -7.54 -5.86
C LYS A 12 -3.76 -6.10 -6.14
N MET A 13 -3.93 -5.32 -5.08
CA MET A 13 -4.30 -3.92 -5.23
C MET A 13 -3.14 -3.13 -5.83
N LEU A 14 -1.93 -3.52 -5.47
CA LEU A 14 -0.72 -2.91 -6.03
C LEU A 14 -0.60 -3.23 -7.51
N GLY A 15 -1.20 -4.33 -7.93
CA GLY A 15 -1.17 -4.73 -9.32
C GLY A 15 -2.02 -3.85 -10.20
N LYS A 16 -2.90 -3.07 -9.58
CA LYS A 16 -3.75 -2.14 -10.29
C LYS A 16 -2.96 -0.88 -10.62
N VAL A 17 -1.83 -0.73 -9.96
CA VAL A 17 -0.94 0.39 -10.17
C VAL A 17 0.12 0.04 -11.21
N PRO A 18 0.28 0.88 -12.25
CA PRO A 18 1.24 0.63 -13.32
C PRO A 18 2.67 0.52 -12.79
N PHE A 19 3.45 -0.35 -13.42
CA PHE A 19 4.79 -0.72 -12.95
C PHE A 19 5.69 0.50 -12.78
N PHE A 20 5.43 1.55 -13.55
CA PHE A 20 6.24 2.77 -13.51
C PHE A 20 6.33 3.32 -12.08
N VAL A 21 5.18 3.70 -11.53
CA VAL A 21 5.13 4.29 -10.20
C VAL A 21 4.83 3.23 -9.14
N ARG A 22 4.74 1.98 -9.57
CA ARG A 22 4.43 0.88 -8.68
C ARG A 22 5.53 0.72 -7.63
N LYS A 23 6.76 0.95 -8.05
CA LYS A 23 7.91 0.87 -7.16
C LYS A 23 7.81 1.93 -6.06
N LYS A 24 7.27 3.10 -6.42
CA LYS A 24 7.09 4.20 -5.48
C LYS A 24 6.09 3.78 -4.42
N VAL A 25 4.94 3.29 -4.87
CA VAL A 25 3.87 2.89 -3.97
C VAL A 25 4.32 1.75 -3.07
N ARG A 26 4.94 0.73 -3.65
CA ARG A 26 5.35 -0.45 -2.89
C ARG A 26 6.31 -0.06 -1.77
N LYS A 27 7.28 0.78 -2.10
CA LYS A 27 8.26 1.25 -1.13
C LYS A 27 7.59 2.17 -0.10
N ASN A 28 6.55 2.88 -0.53
CA ASN A 28 5.87 3.86 0.31
C ASN A 28 5.02 3.15 1.36
N THR A 29 4.28 2.14 0.93
CA THR A 29 3.46 1.34 1.85
C THR A 29 4.35 0.54 2.79
N ASP A 30 5.50 0.09 2.27
CA ASP A 30 6.47 -0.62 3.08
C ASP A 30 6.82 0.22 4.30
N ASN A 31 7.22 1.46 4.04
CA ASN A 31 7.55 2.39 5.11
C ASN A 31 6.30 2.77 5.91
N TYR A 32 5.13 2.63 5.30
CA TYR A 32 3.89 2.93 6.01
C TYR A 32 3.63 1.87 7.07
N ALA A 33 3.80 0.61 6.69
CA ALA A 33 3.59 -0.49 7.61
C ALA A 33 4.56 -0.38 8.78
N ARG A 34 5.80 0.02 8.48
CA ARG A 34 6.81 0.23 9.52
C ARG A 34 6.40 1.37 10.44
N GLU A 35 5.68 2.34 9.86
CA GLU A 35 5.22 3.49 10.61
C GLU A 35 4.15 3.09 11.62
N ILE A 36 3.30 2.14 11.25
CA ILE A 36 2.22 1.68 12.12
C ILE A 36 2.61 0.43 12.91
N GLY A 37 3.83 -0.05 12.69
CA GLY A 37 4.33 -1.18 13.46
C GLY A 37 3.92 -2.53 12.91
N GLU A 38 3.51 -2.55 11.64
CA GLU A 38 3.10 -3.79 10.99
C GLU A 38 4.27 -4.42 10.24
N PRO A 39 4.60 -5.68 10.54
CA PRO A 39 5.65 -6.42 9.84
C PRO A 39 5.14 -7.06 8.55
N VAL A 40 3.83 -7.16 8.43
CA VAL A 40 3.20 -7.80 7.28
C VAL A 40 2.27 -6.82 6.59
N VAL A 41 2.42 -6.66 5.29
CA VAL A 41 1.57 -5.76 4.53
C VAL A 41 0.35 -6.51 4.00
N THR A 42 -0.76 -6.35 4.69
CA THR A 42 -2.00 -7.01 4.32
C THR A 42 -2.86 -6.09 3.44
N ALA A 43 -3.97 -6.61 2.95
CA ALA A 43 -4.94 -5.78 2.24
C ALA A 43 -5.42 -4.62 3.12
N ASP A 44 -5.58 -4.90 4.41
CA ASP A 44 -6.02 -3.88 5.36
C ASP A 44 -4.96 -2.79 5.50
N VAL A 45 -3.71 -3.20 5.68
CA VAL A 45 -2.60 -2.25 5.82
C VAL A 45 -2.51 -1.34 4.59
N PHE A 46 -2.62 -1.93 3.40
CA PHE A 46 -2.55 -1.17 2.16
C PHE A 46 -3.77 -0.25 2.03
N ARG A 47 -4.92 -0.74 2.49
CA ARG A 47 -6.15 0.02 2.42
C ARG A 47 -6.09 1.23 3.35
N LYS A 48 -5.58 1.01 4.56
CA LYS A 48 -5.45 2.09 5.54
C LYS A 48 -4.40 3.08 5.10
N ALA A 49 -3.39 2.59 4.37
CA ALA A 49 -2.39 3.46 3.77
C ALA A 49 -3.06 4.53 2.91
N LYS A 50 -4.09 4.11 2.18
CA LYS A 50 -4.83 5.03 1.32
C LYS A 50 -5.49 6.12 2.16
N GLU A 51 -5.95 5.74 3.35
CA GLU A 51 -6.59 6.68 4.28
C GLU A 51 -5.57 7.68 4.82
N HIS A 52 -4.43 7.16 5.27
CA HIS A 52 -3.40 7.97 5.91
C HIS A 52 -2.64 8.84 4.90
N LEU A 53 -2.27 8.24 3.78
CA LEU A 53 -1.53 8.95 2.74
C LEU A 53 -2.43 9.98 2.06
N GLY A 54 -3.67 9.59 1.80
CA GLY A 54 -4.60 10.48 1.16
C GLY A 54 -4.71 10.21 -0.32
N GLY A 55 -5.40 9.12 -0.66
CA GLY A 55 -5.61 8.77 -2.05
C GLY A 55 -6.97 9.24 -2.54
N LEU A 56 -7.46 8.61 -3.60
CA LEU A 56 -8.76 8.97 -4.16
C LEU A 56 -9.85 8.26 -3.35
N GLU A 57 -9.95 8.62 -2.09
CA GLU A 57 -10.90 8.00 -1.18
C GLU A 57 -12.02 8.96 -0.84
N HIS A 58 -13.04 8.45 -0.17
CA HIS A 58 -14.12 9.29 0.33
C HIS A 58 -14.37 8.94 1.79
N HIS A 59 -15.00 9.85 2.51
CA HIS A 59 -15.19 9.65 3.94
C HIS A 59 -16.39 8.76 4.21
N HIS A 60 -16.14 7.48 4.35
CA HIS A 60 -17.17 6.52 4.70
C HIS A 60 -17.27 6.40 6.22
N HIS A 61 -18.37 5.83 6.69
CA HIS A 61 -18.54 5.59 8.11
C HIS A 61 -17.70 4.40 8.53
N HIS A 62 -16.97 4.56 9.62
CA HIS A 62 -16.00 3.57 10.05
C HIS A 62 -16.19 3.23 11.52
N HIS A 63 -15.29 2.41 12.04
CA HIS A 63 -15.31 2.07 13.45
C HIS A 63 -14.49 3.08 14.22
N MET A 1 17.18 -6.44 -1.04
CA MET A 1 16.35 -6.91 0.08
C MET A 1 16.12 -5.79 1.07
N GLY A 2 14.88 -5.62 1.51
CA GLY A 2 14.54 -4.54 2.41
C GLY A 2 13.12 -4.09 2.22
N GLU A 3 12.19 -4.96 2.56
CA GLU A 3 10.77 -4.70 2.38
C GLU A 3 9.98 -5.49 3.40
N LEU A 4 8.71 -5.16 3.55
CA LEU A 4 7.85 -5.88 4.49
C LEU A 4 7.17 -7.04 3.79
N SER A 5 6.41 -7.83 4.54
CA SER A 5 5.78 -9.01 3.97
C SER A 5 4.46 -8.65 3.29
N TRP A 6 4.53 -8.45 1.99
CA TRP A 6 3.35 -8.15 1.21
C TRP A 6 2.59 -9.43 0.87
N THR A 7 1.30 -9.43 1.11
CA THR A 7 0.47 -10.59 0.81
C THR A 7 -0.07 -10.52 -0.61
N ALA A 8 -0.65 -11.62 -1.07
CA ALA A 8 -1.26 -11.67 -2.39
C ALA A 8 -2.36 -10.63 -2.53
N GLU A 9 -3.00 -10.30 -1.40
CA GLU A 9 -4.05 -9.29 -1.38
C GLU A 9 -3.50 -7.96 -1.87
N ALA A 10 -2.43 -7.52 -1.23
CA ALA A 10 -1.83 -6.23 -1.53
C ALA A 10 -1.14 -6.24 -2.89
N GLU A 11 -0.52 -7.36 -3.23
CA GLU A 11 0.16 -7.52 -4.52
C GLU A 11 -0.82 -7.34 -5.68
N LYS A 12 -2.03 -7.88 -5.54
CA LYS A 12 -3.04 -7.77 -6.58
C LYS A 12 -3.65 -6.37 -6.62
N MET A 13 -3.87 -5.79 -5.44
CA MET A 13 -4.45 -4.45 -5.35
C MET A 13 -3.46 -3.41 -5.88
N LEU A 14 -2.19 -3.62 -5.57
CA LEU A 14 -1.13 -2.74 -6.05
C LEU A 14 -0.79 -3.07 -7.51
N GLY A 15 -1.20 -4.25 -7.94
CA GLY A 15 -0.97 -4.67 -9.32
C GLY A 15 -1.78 -3.85 -10.31
N LYS A 16 -2.83 -3.20 -9.80
CA LYS A 16 -3.64 -2.32 -10.62
C LYS A 16 -2.84 -1.07 -10.99
N VAL A 17 -1.81 -0.82 -10.22
CA VAL A 17 -0.94 0.33 -10.44
C VAL A 17 0.20 -0.06 -11.36
N PRO A 18 0.39 0.68 -12.46
CA PRO A 18 1.46 0.40 -13.44
C PRO A 18 2.82 0.26 -12.77
N PHE A 19 3.56 -0.78 -13.15
CA PHE A 19 4.83 -1.13 -12.52
C PHE A 19 5.81 0.04 -12.49
N PHE A 20 5.67 0.97 -13.44
CA PHE A 20 6.52 2.16 -13.48
C PHE A 20 6.49 2.88 -12.14
N VAL A 21 5.29 3.19 -11.68
CA VAL A 21 5.11 3.95 -10.45
C VAL A 21 4.76 3.05 -9.28
N ARG A 22 4.46 1.78 -9.57
CA ARG A 22 4.15 0.80 -8.52
C ARG A 22 5.32 0.72 -7.54
N LYS A 23 6.53 0.84 -8.07
CA LYS A 23 7.73 0.75 -7.26
C LYS A 23 7.76 1.86 -6.21
N LYS A 24 7.39 3.06 -6.64
CA LYS A 24 7.42 4.23 -5.78
C LYS A 24 6.31 4.14 -4.73
N VAL A 25 5.13 3.69 -5.16
CA VAL A 25 3.99 3.55 -4.27
C VAL A 25 4.24 2.46 -3.24
N ARG A 26 4.76 1.33 -3.69
CA ARG A 26 5.03 0.19 -2.81
C ARG A 26 5.94 0.61 -1.67
N LYS A 27 7.03 1.28 -2.04
CA LYS A 27 8.01 1.78 -1.09
C LYS A 27 7.36 2.65 -0.02
N ASN A 28 6.37 3.43 -0.43
CA ASN A 28 5.69 4.34 0.48
C ASN A 28 4.91 3.55 1.52
N THR A 29 4.28 2.46 1.08
CA THR A 29 3.50 1.61 1.97
C THR A 29 4.40 0.82 2.92
N ASP A 30 5.54 0.35 2.40
CA ASP A 30 6.52 -0.35 3.24
C ASP A 30 6.91 0.53 4.41
N ASN A 31 7.04 1.82 4.16
CA ASN A 31 7.38 2.76 5.21
C ASN A 31 6.16 3.07 6.07
N TYR A 32 4.97 2.96 5.49
CA TYR A 32 3.74 3.20 6.24
C TYR A 32 3.59 2.17 7.37
N ALA A 33 3.61 0.91 6.99
CA ALA A 33 3.46 -0.17 7.96
C ALA A 33 4.64 -0.16 8.92
N ARG A 34 5.79 0.26 8.42
CA ARG A 34 6.99 0.38 9.25
C ARG A 34 6.80 1.45 10.32
N GLU A 35 5.98 2.46 9.99
CA GLU A 35 5.73 3.57 10.89
C GLU A 35 4.88 3.12 12.08
N ILE A 36 3.87 2.32 11.81
CA ILE A 36 2.95 1.87 12.86
C ILE A 36 3.38 0.54 13.47
N GLY A 37 4.31 -0.14 12.82
CA GLY A 37 4.85 -1.37 13.37
C GLY A 37 4.12 -2.62 12.93
N GLU A 38 3.78 -2.70 11.65
CA GLU A 38 3.15 -3.88 11.10
C GLU A 38 4.06 -4.50 10.03
N PRO A 39 4.64 -5.68 10.31
CA PRO A 39 5.58 -6.34 9.41
C PRO A 39 4.90 -6.98 8.20
N VAL A 40 3.59 -7.17 8.29
CA VAL A 40 2.83 -7.80 7.22
C VAL A 40 1.87 -6.80 6.58
N VAL A 41 1.97 -6.67 5.26
CA VAL A 41 1.12 -5.75 4.52
C VAL A 41 0.03 -6.50 3.79
N THR A 42 -1.18 -6.46 4.33
CA THR A 42 -2.32 -7.09 3.73
C THR A 42 -3.18 -6.08 2.99
N ALA A 43 -4.34 -6.50 2.50
CA ALA A 43 -5.29 -5.60 1.88
C ALA A 43 -5.75 -4.55 2.88
N ASP A 44 -5.89 -4.98 4.13
CA ASP A 44 -6.28 -4.10 5.21
C ASP A 44 -5.22 -3.05 5.47
N VAL A 45 -3.97 -3.49 5.48
CA VAL A 45 -2.84 -2.58 5.69
C VAL A 45 -2.76 -1.56 4.56
N PHE A 46 -2.93 -2.04 3.33
CA PHE A 46 -2.95 -1.17 2.16
C PHE A 46 -4.11 -0.17 2.26
N ARG A 47 -5.25 -0.67 2.71
CA ARG A 47 -6.44 0.16 2.93
C ARG A 47 -6.15 1.28 3.93
N LYS A 48 -5.58 0.91 5.08
CA LYS A 48 -5.25 1.87 6.12
C LYS A 48 -4.17 2.83 5.64
N ALA A 49 -3.27 2.33 4.82
CA ALA A 49 -2.20 3.15 4.26
C ALA A 49 -2.77 4.26 3.40
N LYS A 50 -3.70 3.90 2.52
CA LYS A 50 -4.32 4.86 1.62
C LYS A 50 -4.90 6.04 2.39
N GLU A 51 -5.61 5.76 3.46
CA GLU A 51 -6.21 6.81 4.27
C GLU A 51 -5.13 7.68 4.92
N HIS A 52 -4.11 7.02 5.47
CA HIS A 52 -3.06 7.69 6.23
C HIS A 52 -2.18 8.55 5.32
N LEU A 53 -1.97 8.09 4.11
CA LEU A 53 -1.16 8.82 3.14
C LEU A 53 -1.98 9.92 2.47
N GLY A 54 -3.19 9.57 2.07
CA GLY A 54 -4.06 10.51 1.39
C GLY A 54 -5.19 9.79 0.69
N GLY A 55 -6.28 9.59 1.40
CA GLY A 55 -7.39 8.81 0.88
C GLY A 55 -8.22 9.58 -0.13
N LEU A 56 -9.26 8.92 -0.64
CA LEU A 56 -10.16 9.53 -1.60
C LEU A 56 -10.92 10.67 -0.93
N GLU A 57 -11.27 10.48 0.33
CA GLU A 57 -12.00 11.48 1.08
C GLU A 57 -11.05 12.27 1.97
N HIS A 58 -11.27 13.57 2.03
CA HIS A 58 -10.54 14.45 2.93
C HIS A 58 -11.52 15.25 3.75
N HIS A 59 -11.11 15.66 4.95
CA HIS A 59 -11.98 16.34 5.91
C HIS A 59 -12.98 15.36 6.54
N HIS A 60 -13.49 14.44 5.72
CA HIS A 60 -14.36 13.38 6.20
C HIS A 60 -13.53 12.38 7.00
N HIS A 61 -13.76 12.34 8.30
CA HIS A 61 -12.93 11.55 9.20
C HIS A 61 -13.57 10.21 9.52
N HIS A 62 -12.80 9.15 9.33
CA HIS A 62 -13.16 7.79 9.74
C HIS A 62 -14.17 7.15 8.78
N HIS A 63 -13.89 5.91 8.40
CA HIS A 63 -14.81 5.13 7.59
C HIS A 63 -15.80 4.42 8.48
N MET A 1 16.61 -4.89 3.82
CA MET A 1 15.17 -5.10 4.10
C MET A 1 14.37 -3.83 3.81
N GLY A 2 13.85 -3.75 2.59
CA GLY A 2 13.04 -2.61 2.20
C GLY A 2 11.75 -3.07 1.58
N GLU A 3 11.43 -4.33 1.85
CA GLU A 3 10.21 -4.95 1.37
C GLU A 3 9.67 -5.90 2.44
N LEU A 4 8.66 -5.43 3.16
CA LEU A 4 8.03 -6.23 4.20
C LEU A 4 7.25 -7.41 3.62
N SER A 5 6.51 -8.11 4.47
CA SER A 5 5.77 -9.29 4.04
C SER A 5 4.51 -8.88 3.28
N TRP A 6 4.58 -8.93 1.96
CA TRP A 6 3.45 -8.60 1.12
C TRP A 6 2.62 -9.84 0.84
N THR A 7 1.34 -9.78 1.19
CA THR A 7 0.44 -10.90 0.97
C THR A 7 -0.23 -10.79 -0.40
N ALA A 8 -1.02 -11.79 -0.76
CA ALA A 8 -1.69 -11.81 -2.07
C ALA A 8 -2.67 -10.67 -2.19
N GLU A 9 -3.37 -10.37 -1.11
CA GLU A 9 -4.37 -9.31 -1.08
C GLU A 9 -3.74 -7.97 -1.49
N ALA A 10 -2.55 -7.71 -0.96
CA ALA A 10 -1.86 -6.47 -1.23
C ALA A 10 -1.33 -6.43 -2.65
N GLU A 11 -0.73 -7.54 -3.10
CA GLU A 11 -0.18 -7.64 -4.45
C GLU A 11 -1.23 -7.38 -5.51
N LYS A 12 -2.45 -7.89 -5.29
CA LYS A 12 -3.54 -7.70 -6.24
C LYS A 12 -3.88 -6.23 -6.41
N MET A 13 -4.00 -5.54 -5.30
CA MET A 13 -4.39 -4.13 -5.34
C MET A 13 -3.22 -3.26 -5.78
N LEU A 14 -2.01 -3.72 -5.53
CA LEU A 14 -0.81 -3.00 -5.97
C LEU A 14 -0.57 -3.24 -7.46
N GLY A 15 -1.03 -4.39 -7.95
CA GLY A 15 -0.89 -4.71 -9.36
C GLY A 15 -1.72 -3.79 -10.23
N LYS A 16 -2.83 -3.29 -9.66
CA LYS A 16 -3.69 -2.34 -10.35
C LYS A 16 -2.96 -1.03 -10.59
N VAL A 17 -2.07 -0.70 -9.67
CA VAL A 17 -1.27 0.51 -9.76
C VAL A 17 -0.19 0.33 -10.83
N PRO A 18 -0.13 1.27 -11.80
CA PRO A 18 0.83 1.22 -12.90
C PRO A 18 2.25 1.00 -12.40
N PHE A 19 2.96 0.05 -13.00
CA PHE A 19 4.28 -0.35 -12.55
C PHE A 19 5.29 0.79 -12.60
N PHE A 20 4.90 1.89 -13.25
CA PHE A 20 5.74 3.08 -13.31
C PHE A 20 5.87 3.70 -11.91
N VAL A 21 4.76 3.72 -11.18
CA VAL A 21 4.74 4.31 -9.84
C VAL A 21 4.53 3.23 -8.79
N ARG A 22 4.31 2.01 -9.25
CA ARG A 22 4.13 0.87 -8.35
C ARG A 22 5.34 0.72 -7.45
N LYS A 23 6.52 1.01 -8.02
CA LYS A 23 7.78 0.98 -7.27
C LYS A 23 7.75 2.01 -6.13
N LYS A 24 7.20 3.18 -6.43
CA LYS A 24 7.09 4.26 -5.44
C LYS A 24 6.14 3.87 -4.33
N VAL A 25 4.94 3.47 -4.71
CA VAL A 25 3.90 3.12 -3.75
C VAL A 25 4.35 1.98 -2.85
N ARG A 26 4.98 0.97 -3.46
CA ARG A 26 5.45 -0.20 -2.74
C ARG A 26 6.39 0.19 -1.60
N LYS A 27 7.29 1.11 -1.89
CA LYS A 27 8.23 1.58 -0.88
C LYS A 27 7.53 2.45 0.17
N ASN A 28 6.53 3.21 -0.26
CA ASN A 28 5.78 4.05 0.66
C ASN A 28 5.05 3.21 1.70
N THR A 29 4.50 2.09 1.25
CA THR A 29 3.81 1.18 2.16
C THR A 29 4.78 0.49 3.11
N ASP A 30 5.99 0.22 2.66
CA ASP A 30 7.01 -0.36 3.53
C ASP A 30 7.24 0.55 4.73
N ASN A 31 7.38 1.82 4.44
CA ASN A 31 7.56 2.83 5.48
C ASN A 31 6.28 3.00 6.28
N TYR A 32 5.13 2.81 5.64
CA TYR A 32 3.85 3.00 6.32
C TYR A 32 3.59 1.87 7.31
N ALA A 33 3.80 0.64 6.86
CA ALA A 33 3.60 -0.52 7.71
C ALA A 33 4.58 -0.48 8.87
N ARG A 34 5.83 -0.14 8.58
CA ARG A 34 6.82 0.03 9.63
C ARG A 34 6.42 1.14 10.59
N GLU A 35 5.82 2.19 10.06
CA GLU A 35 5.41 3.34 10.85
C GLU A 35 4.34 2.97 11.88
N ILE A 36 3.49 2.01 11.51
CA ILE A 36 2.40 1.59 12.39
C ILE A 36 2.74 0.28 13.12
N GLY A 37 3.91 -0.27 12.85
CA GLY A 37 4.35 -1.46 13.55
C GLY A 37 3.82 -2.75 12.95
N GLU A 38 3.68 -2.78 11.63
CA GLU A 38 3.24 -3.97 10.91
C GLU A 38 4.38 -4.52 10.06
N PRO A 39 4.87 -5.73 10.39
CA PRO A 39 5.89 -6.39 9.58
C PRO A 39 5.28 -7.07 8.35
N VAL A 40 3.95 -7.07 8.31
CA VAL A 40 3.21 -7.67 7.22
C VAL A 40 2.32 -6.62 6.55
N VAL A 41 2.42 -6.52 5.23
CA VAL A 41 1.59 -5.58 4.49
C VAL A 41 0.38 -6.32 3.92
N THR A 42 -0.72 -6.24 4.64
CA THR A 42 -1.96 -6.88 4.21
C THR A 42 -2.85 -5.91 3.45
N ALA A 43 -4.02 -6.38 3.02
CA ALA A 43 -4.98 -5.53 2.34
C ALA A 43 -5.46 -4.43 3.28
N ASP A 44 -5.52 -4.75 4.58
CA ASP A 44 -5.87 -3.77 5.59
C ASP A 44 -4.86 -2.64 5.59
N VAL A 45 -3.59 -3.00 5.65
CA VAL A 45 -2.51 -2.02 5.68
C VAL A 45 -2.45 -1.23 4.37
N PHE A 46 -2.56 -1.93 3.25
CA PHE A 46 -2.45 -1.30 1.94
C PHE A 46 -3.61 -0.34 1.67
N ARG A 47 -4.81 -0.72 2.09
CA ARG A 47 -5.97 0.15 1.95
C ARG A 47 -5.84 1.34 2.91
N LYS A 48 -5.34 1.05 4.10
CA LYS A 48 -5.15 2.09 5.11
C LYS A 48 -4.08 3.07 4.66
N ALA A 49 -3.10 2.57 3.92
CA ALA A 49 -2.04 3.40 3.38
C ALA A 49 -2.60 4.39 2.37
N LYS A 50 -3.43 3.90 1.45
CA LYS A 50 -4.03 4.75 0.44
C LYS A 50 -4.90 5.82 1.09
N GLU A 51 -5.56 5.44 2.17
CA GLU A 51 -6.35 6.38 2.96
C GLU A 51 -5.46 7.44 3.59
N HIS A 52 -4.31 7.01 4.10
CA HIS A 52 -3.38 7.89 4.77
C HIS A 52 -2.66 8.80 3.78
N LEU A 53 -2.40 8.27 2.59
CA LEU A 53 -1.71 9.02 1.55
C LEU A 53 -2.64 10.03 0.90
N GLY A 54 -3.80 9.57 0.44
CA GLY A 54 -4.77 10.47 -0.15
C GLY A 54 -5.44 9.90 -1.40
N GLY A 55 -6.25 8.88 -1.22
CA GLY A 55 -7.03 8.35 -2.34
C GLY A 55 -8.32 9.13 -2.49
N LEU A 56 -8.48 9.80 -3.63
CA LEU A 56 -9.59 10.72 -3.81
C LEU A 56 -10.85 10.02 -4.32
N GLU A 57 -11.58 9.43 -3.37
CA GLU A 57 -12.96 8.97 -3.59
C GLU A 57 -13.11 7.78 -4.54
N HIS A 58 -14.08 6.93 -4.22
CA HIS A 58 -14.48 5.78 -5.03
C HIS A 58 -15.65 5.08 -4.35
N HIS A 59 -16.49 5.87 -3.71
CA HIS A 59 -17.58 5.32 -2.89
C HIS A 59 -18.76 4.91 -3.73
N HIS A 60 -18.82 3.64 -4.08
CA HIS A 60 -20.02 3.06 -4.67
C HIS A 60 -20.50 1.92 -3.80
N HIS A 61 -19.84 1.76 -2.65
CA HIS A 61 -20.20 0.76 -1.67
C HIS A 61 -19.37 0.97 -0.41
N HIS A 62 -20.02 0.86 0.74
CA HIS A 62 -19.29 0.80 2.00
C HIS A 62 -18.57 -0.53 2.11
N HIS A 63 -17.51 -0.58 2.91
CA HIS A 63 -16.71 -1.79 3.08
C HIS A 63 -16.14 -2.26 1.73
N MET A 1 18.86 -6.92 3.30
CA MET A 1 17.74 -7.69 3.88
C MET A 1 16.67 -6.74 4.40
N GLY A 2 15.71 -6.40 3.55
CA GLY A 2 14.69 -5.45 3.94
C GLY A 2 13.43 -5.60 3.13
N GLU A 3 12.85 -6.79 3.17
CA GLU A 3 11.59 -7.06 2.50
C GLU A 3 10.52 -7.41 3.51
N LEU A 4 9.50 -6.57 3.58
CA LEU A 4 8.40 -6.80 4.50
C LEU A 4 7.53 -7.96 3.99
N SER A 5 6.77 -8.55 4.88
CA SER A 5 5.94 -9.68 4.54
C SER A 5 4.69 -9.21 3.81
N TRP A 6 4.70 -9.34 2.51
CA TRP A 6 3.57 -8.94 1.68
C TRP A 6 2.70 -10.14 1.35
N THR A 7 1.40 -10.00 1.56
CA THR A 7 0.46 -11.05 1.21
C THR A 7 -0.03 -10.87 -0.22
N ALA A 8 -0.64 -11.91 -0.76
CA ALA A 8 -1.11 -11.90 -2.14
C ALA A 8 -2.16 -10.81 -2.36
N GLU A 9 -2.95 -10.54 -1.33
CA GLU A 9 -4.04 -9.56 -1.42
C GLU A 9 -3.49 -8.20 -1.84
N ALA A 10 -2.47 -7.73 -1.13
CA ALA A 10 -1.91 -6.41 -1.39
C ALA A 10 -1.27 -6.35 -2.77
N GLU A 11 -0.57 -7.40 -3.16
CA GLU A 11 0.08 -7.47 -4.46
C GLU A 11 -0.92 -7.45 -5.60
N LYS A 12 -2.05 -8.13 -5.43
CA LYS A 12 -3.08 -8.17 -6.47
C LYS A 12 -3.78 -6.81 -6.60
N MET A 13 -3.88 -6.10 -5.50
CA MET A 13 -4.45 -4.76 -5.49
C MET A 13 -3.47 -3.78 -6.12
N LEU A 14 -2.21 -3.90 -5.72
CA LEU A 14 -1.16 -3.02 -6.23
C LEU A 14 -0.87 -3.32 -7.71
N GLY A 15 -1.15 -4.54 -8.13
CA GLY A 15 -0.93 -4.95 -9.51
C GLY A 15 -1.79 -4.19 -10.49
N LYS A 16 -2.85 -3.57 -9.99
CA LYS A 16 -3.76 -2.80 -10.83
C LYS A 16 -3.26 -1.38 -11.02
N VAL A 17 -2.16 -1.07 -10.33
CA VAL A 17 -1.54 0.23 -10.41
C VAL A 17 -0.33 0.18 -11.34
N PRO A 18 -0.24 1.15 -12.27
CA PRO A 18 0.88 1.21 -13.24
C PRO A 18 2.24 1.22 -12.57
N PHE A 19 3.18 0.53 -13.21
CA PHE A 19 4.46 0.20 -12.63
C PHE A 19 5.26 1.42 -12.18
N PHE A 20 5.13 2.51 -12.93
CA PHE A 20 5.90 3.73 -12.67
C PHE A 20 5.72 4.19 -11.24
N VAL A 21 4.48 4.25 -10.78
CA VAL A 21 4.19 4.67 -9.42
C VAL A 21 3.97 3.46 -8.51
N ARG A 22 3.70 2.30 -9.11
CA ARG A 22 3.45 1.08 -8.36
C ARG A 22 4.63 0.75 -7.44
N LYS A 23 5.81 0.80 -8.01
CA LYS A 23 7.03 0.47 -7.27
C LYS A 23 7.26 1.49 -6.16
N LYS A 24 6.87 2.73 -6.41
CA LYS A 24 7.00 3.80 -5.42
C LYS A 24 6.01 3.57 -4.27
N VAL A 25 4.76 3.29 -4.62
CA VAL A 25 3.73 3.05 -3.63
C VAL A 25 4.10 1.89 -2.71
N ARG A 26 4.72 0.86 -3.30
CA ARG A 26 5.13 -0.31 -2.53
C ARG A 26 6.15 0.10 -1.46
N LYS A 27 7.05 1.01 -1.82
CA LYS A 27 8.03 1.53 -0.87
C LYS A 27 7.36 2.45 0.15
N ASN A 28 6.36 3.20 -0.29
CA ASN A 28 5.60 4.06 0.60
C ASN A 28 4.90 3.23 1.67
N THR A 29 4.31 2.11 1.27
CA THR A 29 3.70 1.19 2.22
C THR A 29 4.76 0.53 3.08
N ASP A 30 5.94 0.35 2.51
CA ASP A 30 7.09 -0.21 3.23
C ASP A 30 7.46 0.72 4.39
N ASN A 31 7.36 2.02 4.15
CA ASN A 31 7.59 3.01 5.20
C ASN A 31 6.39 3.10 6.14
N TYR A 32 5.20 2.86 5.60
CA TYR A 32 3.97 2.98 6.39
C TYR A 32 3.83 1.83 7.37
N ALA A 33 4.17 0.63 6.92
CA ALA A 33 4.07 -0.56 7.76
C ALA A 33 4.92 -0.41 9.02
N ARG A 34 6.11 0.16 8.84
CA ARG A 34 7.01 0.41 9.96
C ARG A 34 6.38 1.35 10.97
N GLU A 35 5.58 2.28 10.48
CA GLU A 35 4.99 3.30 11.33
C GLU A 35 3.99 2.68 12.29
N ILE A 36 3.16 1.78 11.79
CA ILE A 36 2.14 1.14 12.61
C ILE A 36 2.66 -0.15 13.25
N GLY A 37 3.96 -0.39 13.10
CA GLY A 37 4.59 -1.53 13.75
C GLY A 37 4.24 -2.86 13.10
N GLU A 38 3.90 -2.81 11.83
CA GLU A 38 3.50 -4.01 11.10
C GLU A 38 4.59 -4.48 10.16
N PRO A 39 5.07 -5.71 10.35
CA PRO A 39 6.02 -6.33 9.44
C PRO A 39 5.31 -6.99 8.26
N VAL A 40 3.98 -7.04 8.33
CA VAL A 40 3.17 -7.69 7.31
C VAL A 40 2.21 -6.69 6.68
N VAL A 41 2.29 -6.56 5.36
CA VAL A 41 1.42 -5.66 4.62
C VAL A 41 0.28 -6.44 3.95
N THR A 42 -0.93 -6.23 4.46
CA THR A 42 -2.10 -6.87 3.90
C THR A 42 -2.97 -5.86 3.16
N ALA A 43 -4.12 -6.32 2.64
CA ALA A 43 -5.06 -5.44 1.97
C ALA A 43 -5.55 -4.35 2.92
N ASP A 44 -5.70 -4.71 4.19
CA ASP A 44 -6.10 -3.77 5.24
C ASP A 44 -5.09 -2.63 5.34
N VAL A 45 -3.81 -3.00 5.40
CA VAL A 45 -2.73 -2.03 5.49
C VAL A 45 -2.71 -1.13 4.25
N PHE A 46 -2.92 -1.74 3.09
CA PHE A 46 -2.93 -1.01 1.83
C PHE A 46 -4.00 0.07 1.84
N ARG A 47 -5.19 -0.28 2.30
CA ARG A 47 -6.30 0.68 2.39
C ARG A 47 -5.92 1.88 3.25
N LYS A 48 -5.43 1.60 4.44
CA LYS A 48 -5.07 2.64 5.39
C LYS A 48 -3.89 3.46 4.89
N ALA A 49 -2.93 2.79 4.27
CA ALA A 49 -1.76 3.46 3.73
C ALA A 49 -2.13 4.39 2.59
N LYS A 50 -2.97 3.90 1.69
CA LYS A 50 -3.40 4.65 0.52
C LYS A 50 -4.02 5.99 0.91
N GLU A 51 -4.96 5.95 1.85
CA GLU A 51 -5.63 7.16 2.29
C GLU A 51 -4.70 8.04 3.14
N HIS A 52 -3.76 7.41 3.84
CA HIS A 52 -2.79 8.15 4.64
C HIS A 52 -1.80 8.88 3.73
N LEU A 53 -1.45 8.25 2.63
CA LEU A 53 -0.51 8.83 1.67
C LEU A 53 -1.21 9.88 0.81
N GLY A 54 -2.40 9.55 0.35
CA GLY A 54 -3.14 10.46 -0.50
C GLY A 54 -2.87 10.22 -1.96
N GLY A 55 -2.85 11.29 -2.73
CA GLY A 55 -2.59 11.17 -4.15
C GLY A 55 -2.98 12.44 -4.89
N LEU A 56 -2.58 12.53 -6.15
CA LEU A 56 -2.89 13.70 -6.97
C LEU A 56 -4.34 13.67 -7.45
N GLU A 57 -4.60 12.84 -8.45
CA GLU A 57 -5.91 12.75 -9.07
C GLU A 57 -6.06 11.36 -9.67
N HIS A 58 -7.30 10.90 -9.87
CA HIS A 58 -7.56 9.59 -10.44
C HIS A 58 -6.93 9.48 -11.82
N HIS A 59 -7.09 10.55 -12.62
CA HIS A 59 -6.40 10.70 -13.92
C HIS A 59 -6.94 9.74 -14.99
N HIS A 60 -7.68 8.73 -14.57
CA HIS A 60 -8.21 7.75 -15.50
C HIS A 60 -9.64 7.40 -15.13
N HIS A 61 -10.58 8.15 -15.69
CA HIS A 61 -12.00 7.94 -15.40
C HIS A 61 -12.59 6.91 -16.35
N HIS A 62 -13.79 6.45 -16.04
CA HIS A 62 -14.48 5.48 -16.90
C HIS A 62 -15.80 6.05 -17.38
N HIS A 63 -15.71 6.96 -18.34
CA HIS A 63 -16.86 7.61 -18.94
C HIS A 63 -16.51 8.08 -20.34
N MET A 1 14.71 -9.88 6.91
CA MET A 1 15.15 -8.60 7.50
C MET A 1 15.45 -7.59 6.40
N GLY A 2 14.75 -6.47 6.43
CA GLY A 2 14.94 -5.45 5.42
C GLY A 2 13.66 -5.09 4.71
N GLU A 3 13.18 -6.01 3.88
CA GLU A 3 11.92 -5.82 3.18
C GLU A 3 10.77 -6.42 3.97
N LEU A 4 9.60 -5.83 3.83
CA LEU A 4 8.41 -6.28 4.56
C LEU A 4 7.72 -7.42 3.81
N SER A 5 6.92 -8.18 4.53
CA SER A 5 6.23 -9.32 3.96
C SER A 5 4.93 -8.87 3.29
N TRP A 6 4.91 -8.93 1.97
CA TRP A 6 3.73 -8.55 1.19
C TRP A 6 2.85 -9.77 0.93
N THR A 7 1.56 -9.60 1.17
CA THR A 7 0.60 -10.68 0.96
C THR A 7 0.13 -10.71 -0.50
N ALA A 8 -0.58 -11.77 -0.86
CA ALA A 8 -1.13 -11.89 -2.20
C ALA A 8 -2.21 -10.84 -2.43
N GLU A 9 -2.90 -10.47 -1.36
CA GLU A 9 -3.95 -9.46 -1.44
C GLU A 9 -3.36 -8.09 -1.67
N ALA A 10 -2.24 -7.81 -1.02
CA ALA A 10 -1.53 -6.56 -1.20
C ALA A 10 -1.08 -6.41 -2.65
N GLU A 11 -0.62 -7.51 -3.24
CA GLU A 11 -0.22 -7.53 -4.64
C GLU A 11 -1.41 -7.23 -5.55
N LYS A 12 -2.59 -7.72 -5.18
CA LYS A 12 -3.80 -7.47 -5.96
C LYS A 12 -4.09 -5.98 -6.02
N MET A 13 -3.86 -5.30 -4.92
CA MET A 13 -4.14 -3.87 -4.83
C MET A 13 -3.01 -3.06 -5.47
N LEU A 14 -1.78 -3.46 -5.19
CA LEU A 14 -0.60 -2.79 -5.75
C LEU A 14 -0.52 -3.02 -7.26
N GLY A 15 -1.07 -4.14 -7.71
CA GLY A 15 -1.04 -4.48 -9.13
C GLY A 15 -1.98 -3.63 -9.95
N LYS A 16 -2.91 -2.97 -9.27
CA LYS A 16 -3.84 -2.05 -9.92
C LYS A 16 -3.12 -0.76 -10.28
N VAL A 17 -2.04 -0.50 -9.58
CA VAL A 17 -1.22 0.67 -9.83
C VAL A 17 -0.29 0.40 -11.01
N PRO A 18 -0.12 1.38 -11.92
CA PRO A 18 0.77 1.23 -13.07
C PRO A 18 2.18 0.80 -12.65
N PHE A 19 2.70 -0.22 -13.33
CA PHE A 19 3.98 -0.83 -12.96
C PHE A 19 5.13 0.19 -12.99
N PHE A 20 4.89 1.32 -13.63
CA PHE A 20 5.87 2.39 -13.70
C PHE A 20 6.17 2.94 -12.31
N VAL A 21 5.15 2.99 -11.46
CA VAL A 21 5.27 3.65 -10.17
C VAL A 21 4.91 2.70 -9.02
N ARG A 22 4.75 1.42 -9.33
CA ARG A 22 4.42 0.43 -8.31
C ARG A 22 5.47 0.41 -7.22
N LYS A 23 6.72 0.59 -7.61
CA LYS A 23 7.83 0.51 -6.69
C LYS A 23 7.84 1.71 -5.76
N LYS A 24 7.30 2.82 -6.25
CA LYS A 24 7.20 4.04 -5.44
C LYS A 24 6.09 3.86 -4.41
N VAL A 25 4.95 3.34 -4.86
CA VAL A 25 3.83 3.07 -3.98
C VAL A 25 4.22 2.02 -2.95
N ARG A 26 4.94 0.99 -3.40
CA ARG A 26 5.42 -0.06 -2.52
C ARG A 26 6.40 0.50 -1.50
N LYS A 27 7.18 1.50 -1.90
CA LYS A 27 8.14 2.13 -0.99
C LYS A 27 7.40 2.94 0.08
N ASN A 28 6.31 3.58 -0.33
CA ASN A 28 5.48 4.36 0.59
C ASN A 28 4.85 3.45 1.64
N THR A 29 4.38 2.28 1.22
CA THR A 29 3.81 1.32 2.15
C THR A 29 4.90 0.64 2.96
N ASP A 30 6.05 0.40 2.32
CA ASP A 30 7.23 -0.15 2.99
C ASP A 30 7.58 0.68 4.20
N ASN A 31 7.47 2.00 4.06
CA ASN A 31 7.70 2.91 5.17
C ASN A 31 6.48 2.96 6.10
N TYR A 32 5.28 2.90 5.52
CA TYR A 32 4.05 3.10 6.29
C TYR A 32 3.78 1.92 7.22
N ALA A 33 4.05 0.71 6.75
CA ALA A 33 3.80 -0.48 7.55
C ALA A 33 4.68 -0.47 8.80
N ARG A 34 5.89 0.06 8.67
CA ARG A 34 6.79 0.20 9.81
C ARG A 34 6.26 1.24 10.77
N GLU A 35 5.63 2.26 10.19
CA GLU A 35 5.06 3.35 10.97
C GLU A 35 3.93 2.86 11.87
N ILE A 36 3.09 1.96 11.35
CA ILE A 36 1.98 1.43 12.12
C ILE A 36 2.38 0.17 12.89
N GLY A 37 3.56 -0.35 12.61
CA GLY A 37 4.06 -1.50 13.35
C GLY A 37 3.64 -2.83 12.76
N GLU A 38 3.33 -2.84 11.48
CA GLU A 38 2.92 -4.05 10.79
C GLU A 38 4.06 -4.59 9.93
N PRO A 39 4.53 -5.82 10.23
CA PRO A 39 5.56 -6.48 9.42
C PRO A 39 4.99 -7.14 8.16
N VAL A 40 3.68 -7.37 8.18
CA VAL A 40 3.00 -8.00 7.06
C VAL A 40 2.03 -7.03 6.40
N VAL A 41 2.31 -6.70 5.15
CA VAL A 41 1.46 -5.78 4.40
C VAL A 41 0.27 -6.53 3.83
N THR A 42 -0.88 -6.31 4.44
CA THR A 42 -2.12 -6.92 4.00
C THR A 42 -2.95 -5.92 3.20
N ALA A 43 -4.09 -6.37 2.70
CA ALA A 43 -5.03 -5.48 2.01
C ALA A 43 -5.46 -4.36 2.95
N ASP A 44 -5.54 -4.66 4.23
CA ASP A 44 -5.93 -3.68 5.24
C ASP A 44 -4.85 -2.62 5.42
N VAL A 45 -3.58 -3.07 5.36
CA VAL A 45 -2.46 -2.15 5.46
C VAL A 45 -2.41 -1.24 4.24
N PHE A 46 -2.66 -1.81 3.06
CA PHE A 46 -2.66 -1.03 1.82
C PHE A 46 -3.87 -0.09 1.83
N ARG A 47 -4.99 -0.58 2.36
CA ARG A 47 -6.18 0.23 2.58
C ARG A 47 -5.84 1.44 3.45
N LYS A 48 -5.22 1.17 4.58
CA LYS A 48 -4.91 2.20 5.57
C LYS A 48 -3.90 3.19 4.99
N ALA A 49 -2.98 2.67 4.18
CA ALA A 49 -2.01 3.52 3.49
C ALA A 49 -2.73 4.50 2.58
N LYS A 50 -3.71 4.00 1.83
CA LYS A 50 -4.50 4.85 0.95
C LYS A 50 -5.21 5.93 1.74
N GLU A 51 -5.87 5.55 2.82
CA GLU A 51 -6.59 6.51 3.66
C GLU A 51 -5.65 7.53 4.28
N HIS A 52 -4.44 7.10 4.61
CA HIS A 52 -3.47 7.97 5.26
C HIS A 52 -2.74 8.87 4.27
N LEU A 53 -2.55 8.38 3.04
CA LEU A 53 -1.79 9.13 2.04
C LEU A 53 -2.71 10.00 1.19
N GLY A 54 -3.83 9.44 0.74
CA GLY A 54 -4.73 10.19 -0.10
C GLY A 54 -6.12 9.58 -0.13
N GLY A 55 -6.74 9.49 1.03
CA GLY A 55 -8.09 8.97 1.13
C GLY A 55 -9.11 9.98 0.67
N LEU A 56 -9.26 10.12 -0.64
CA LEU A 56 -10.12 11.14 -1.21
C LEU A 56 -11.58 10.74 -1.09
N GLU A 57 -11.84 9.46 -0.86
CA GLU A 57 -13.19 8.99 -0.63
C GLU A 57 -13.65 9.41 0.75
N HIS A 58 -14.90 9.86 0.84
CA HIS A 58 -15.39 10.47 2.06
C HIS A 58 -16.08 9.43 2.95
N HIS A 59 -15.33 8.95 3.95
CA HIS A 59 -15.83 7.96 4.91
C HIS A 59 -16.34 6.70 4.23
N HIS A 60 -15.50 5.68 4.16
CA HIS A 60 -15.94 4.41 3.60
C HIS A 60 -16.97 3.77 4.52
N HIS A 61 -18.14 3.49 3.96
CA HIS A 61 -19.22 2.88 4.71
C HIS A 61 -19.53 1.51 4.14
N HIS A 62 -20.32 0.73 4.87
CA HIS A 62 -20.62 -0.63 4.45
C HIS A 62 -21.45 -0.62 3.17
N HIS A 63 -20.92 -1.20 2.11
CA HIS A 63 -21.57 -1.19 0.82
C HIS A 63 -21.39 -2.54 0.13
N MET A 1 15.86 -5.13 -1.37
CA MET A 1 16.16 -5.06 0.08
C MET A 1 15.55 -3.81 0.68
N GLY A 2 14.57 -4.00 1.55
CA GLY A 2 13.93 -2.86 2.19
C GLY A 2 12.42 -3.00 2.22
N GLU A 3 11.88 -3.72 1.25
CA GLU A 3 10.45 -3.94 1.14
C GLU A 3 9.99 -4.95 2.19
N LEU A 4 8.74 -4.85 2.60
CA LEU A 4 8.20 -5.71 3.64
C LEU A 4 7.59 -6.97 3.05
N SER A 5 6.90 -7.72 3.89
CA SER A 5 6.25 -8.96 3.47
C SER A 5 4.85 -8.64 2.96
N TRP A 6 4.70 -8.67 1.65
CA TRP A 6 3.41 -8.39 1.02
C TRP A 6 2.66 -9.68 0.73
N THR A 7 1.39 -9.70 1.09
CA THR A 7 0.55 -10.85 0.86
C THR A 7 -0.12 -10.79 -0.51
N ALA A 8 -0.81 -11.87 -0.88
CA ALA A 8 -1.48 -11.95 -2.17
C ALA A 8 -2.58 -10.90 -2.26
N GLU A 9 -3.29 -10.69 -1.16
CA GLU A 9 -4.38 -9.72 -1.12
C GLU A 9 -3.86 -8.30 -1.36
N ALA A 10 -2.67 -8.02 -0.85
CA ALA A 10 -2.06 -6.72 -1.01
C ALA A 10 -1.56 -6.52 -2.44
N GLU A 11 -0.79 -7.49 -2.94
CA GLU A 11 -0.24 -7.43 -4.29
C GLU A 11 -1.34 -7.43 -5.35
N LYS A 12 -2.45 -8.09 -5.05
CA LYS A 12 -3.58 -8.14 -5.98
C LYS A 12 -4.21 -6.75 -6.13
N MET A 13 -4.25 -6.02 -5.01
CA MET A 13 -4.80 -4.67 -5.01
C MET A 13 -3.79 -3.66 -5.54
N LEU A 14 -2.52 -3.88 -5.21
CA LEU A 14 -1.44 -3.00 -5.66
C LEU A 14 -1.11 -3.27 -7.13
N GLY A 15 -1.58 -4.39 -7.65
CA GLY A 15 -1.35 -4.75 -9.03
C GLY A 15 -1.94 -3.76 -10.01
N LYS A 16 -2.91 -2.99 -9.54
CA LYS A 16 -3.51 -1.94 -10.35
C LYS A 16 -2.50 -0.85 -10.68
N VAL A 17 -1.47 -0.73 -9.84
CA VAL A 17 -0.47 0.30 -10.00
C VAL A 17 0.56 -0.11 -11.06
N PRO A 18 0.73 0.73 -12.10
CA PRO A 18 1.70 0.49 -13.17
C PRO A 18 3.14 0.48 -12.66
N PHE A 19 4.01 -0.15 -13.42
CA PHE A 19 5.38 -0.39 -12.98
C PHE A 19 6.21 0.90 -12.94
N PHE A 20 5.64 1.98 -13.46
CA PHE A 20 6.29 3.28 -13.39
C PHE A 20 6.42 3.74 -11.96
N VAL A 21 5.34 3.60 -11.20
CA VAL A 21 5.30 4.08 -9.83
C VAL A 21 5.02 2.94 -8.86
N ARG A 22 5.05 1.72 -9.39
CA ARG A 22 4.73 0.52 -8.61
C ARG A 22 5.61 0.41 -7.38
N LYS A 23 6.91 0.61 -7.56
CA LYS A 23 7.85 0.50 -6.45
C LYS A 23 7.69 1.67 -5.51
N LYS A 24 7.42 2.85 -6.06
CA LYS A 24 7.28 4.06 -5.25
C LYS A 24 6.08 3.94 -4.32
N VAL A 25 4.94 3.54 -4.88
CA VAL A 25 3.73 3.36 -4.09
C VAL A 25 3.94 2.25 -3.06
N ARG A 26 4.56 1.16 -3.49
CA ARG A 26 4.86 0.05 -2.61
C ARG A 26 5.72 0.51 -1.43
N LYS A 27 6.76 1.27 -1.76
CA LYS A 27 7.70 1.77 -0.76
C LYS A 27 7.00 2.70 0.23
N ASN A 28 5.99 3.42 -0.24
CA ASN A 28 5.20 4.29 0.63
C ASN A 28 4.46 3.46 1.67
N THR A 29 3.90 2.35 1.24
CA THR A 29 3.20 1.45 2.14
C THR A 29 4.17 0.71 3.04
N ASP A 30 5.33 0.32 2.50
CA ASP A 30 6.35 -0.34 3.29
C ASP A 30 6.74 0.55 4.46
N ASN A 31 7.04 1.82 4.16
CA ASN A 31 7.38 2.79 5.18
C ASN A 31 6.18 3.08 6.07
N TYR A 32 4.97 2.91 5.53
CA TYR A 32 3.76 3.13 6.32
C TYR A 32 3.59 2.02 7.34
N ALA A 33 3.77 0.79 6.89
CA ALA A 33 3.66 -0.37 7.75
C ALA A 33 4.82 -0.41 8.75
N ARG A 34 6.03 -0.12 8.27
CA ARG A 34 7.20 -0.05 9.14
C ARG A 34 6.97 0.94 10.27
N GLU A 35 6.27 2.02 9.95
CA GLU A 35 6.04 3.10 10.88
C GLU A 35 5.11 2.65 12.00
N ILE A 36 4.15 1.79 11.66
CA ILE A 36 3.16 1.33 12.61
C ILE A 36 3.49 -0.06 13.15
N GLY A 37 4.68 -0.56 12.79
CA GLY A 37 5.14 -1.82 13.34
C GLY A 37 4.88 -3.01 12.44
N GLU A 38 3.88 -2.88 11.56
CA GLU A 38 3.45 -3.98 10.69
C GLU A 38 4.61 -4.51 9.83
N PRO A 39 4.99 -5.78 10.03
CA PRO A 39 5.99 -6.44 9.19
C PRO A 39 5.37 -7.04 7.94
N VAL A 40 4.08 -7.31 7.99
CA VAL A 40 3.36 -7.90 6.88
C VAL A 40 2.28 -6.95 6.38
N VAL A 41 2.36 -6.59 5.11
CA VAL A 41 1.40 -5.66 4.53
C VAL A 41 0.22 -6.41 3.95
N THR A 42 -0.93 -6.28 4.59
CA THR A 42 -2.16 -6.88 4.11
C THR A 42 -2.98 -5.85 3.33
N ALA A 43 -4.11 -6.28 2.78
CA ALA A 43 -5.01 -5.38 2.06
C ALA A 43 -5.52 -4.28 2.98
N ASP A 44 -5.70 -4.64 4.25
CA ASP A 44 -6.14 -3.69 5.27
C ASP A 44 -5.10 -2.59 5.44
N VAL A 45 -3.84 -2.98 5.60
CA VAL A 45 -2.75 -2.04 5.75
C VAL A 45 -2.65 -1.14 4.52
N PHE A 46 -2.75 -1.74 3.34
CA PHE A 46 -2.68 -1.02 2.08
C PHE A 46 -3.82 -0.01 1.96
N ARG A 47 -5.02 -0.43 2.34
CA ARG A 47 -6.19 0.44 2.26
C ARG A 47 -6.07 1.62 3.21
N LYS A 48 -5.64 1.35 4.44
CA LYS A 48 -5.48 2.40 5.44
C LYS A 48 -4.42 3.41 5.00
N ALA A 49 -3.42 2.93 4.28
CA ALA A 49 -2.39 3.80 3.73
C ALA A 49 -2.98 4.75 2.69
N LYS A 50 -3.83 4.21 1.81
CA LYS A 50 -4.47 5.01 0.77
C LYS A 50 -5.30 6.13 1.39
N GLU A 51 -5.99 5.82 2.47
CA GLU A 51 -6.83 6.81 3.15
C GLU A 51 -5.96 7.80 3.92
N HIS A 52 -4.88 7.29 4.51
CA HIS A 52 -3.94 8.13 5.26
C HIS A 52 -3.29 9.16 4.33
N LEU A 53 -2.88 8.70 3.15
CA LEU A 53 -2.23 9.57 2.18
C LEU A 53 -3.24 10.44 1.45
N GLY A 54 -4.53 10.22 1.74
CA GLY A 54 -5.58 11.01 1.15
C GLY A 54 -6.06 10.44 -0.17
N GLY A 55 -5.12 9.97 -0.98
CA GLY A 55 -5.46 9.40 -2.27
C GLY A 55 -5.71 10.48 -3.31
N LEU A 56 -6.63 11.37 -3.00
CA LEU A 56 -6.96 12.47 -3.88
C LEU A 56 -6.96 13.78 -3.09
N GLU A 57 -6.01 14.66 -3.39
CA GLU A 57 -5.89 15.92 -2.69
C GLU A 57 -6.59 17.04 -3.47
N HIS A 58 -6.49 18.27 -2.95
CA HIS A 58 -7.20 19.43 -3.49
C HIS A 58 -8.69 19.32 -3.17
N HIS A 59 -9.30 18.22 -3.61
CA HIS A 59 -10.67 17.88 -3.28
C HIS A 59 -10.94 16.46 -3.74
N HIS A 60 -11.51 15.65 -2.84
CA HIS A 60 -11.81 14.26 -3.17
C HIS A 60 -12.82 14.23 -4.32
N HIS A 61 -13.75 15.17 -4.27
CA HIS A 61 -14.71 15.39 -5.35
C HIS A 61 -15.30 16.79 -5.22
N HIS A 62 -15.74 17.35 -6.33
CA HIS A 62 -16.49 18.60 -6.32
C HIS A 62 -17.88 18.34 -5.75
N HIS A 63 -18.39 17.16 -6.06
CA HIS A 63 -19.66 16.69 -5.54
C HIS A 63 -19.75 15.19 -5.72
N MET A 1 17.89 -5.47 6.17
CA MET A 1 16.41 -5.40 6.00
C MET A 1 16.06 -4.23 5.08
N GLY A 2 15.76 -4.55 3.83
CA GLY A 2 15.49 -3.52 2.86
C GLY A 2 14.03 -3.18 2.74
N GLU A 3 13.19 -4.20 2.82
CA GLU A 3 11.74 -4.01 2.66
C GLU A 3 10.97 -5.05 3.47
N LEU A 4 9.67 -4.86 3.55
CA LEU A 4 8.79 -5.73 4.33
C LEU A 4 8.22 -6.85 3.46
N SER A 5 7.18 -7.51 3.98
CA SER A 5 6.54 -8.60 3.28
C SER A 5 5.11 -8.22 2.89
N TRP A 6 4.77 -8.41 1.63
CA TRP A 6 3.43 -8.09 1.14
C TRP A 6 2.64 -9.36 0.89
N THR A 7 1.36 -9.36 1.27
CA THR A 7 0.51 -10.53 1.08
C THR A 7 -0.14 -10.52 -0.29
N ALA A 8 -0.80 -11.61 -0.63
CA ALA A 8 -1.44 -11.79 -1.94
C ALA A 8 -2.45 -10.69 -2.23
N GLU A 9 -3.21 -10.30 -1.21
CA GLU A 9 -4.20 -9.23 -1.37
C GLU A 9 -3.51 -7.94 -1.77
N ALA A 10 -2.41 -7.64 -1.08
CA ALA A 10 -1.65 -6.43 -1.32
C ALA A 10 -1.02 -6.46 -2.71
N GLU A 11 -0.55 -7.63 -3.11
CA GLU A 11 0.06 -7.79 -4.43
C GLU A 11 -0.93 -7.50 -5.54
N LYS A 12 -2.17 -7.99 -5.39
CA LYS A 12 -3.18 -7.80 -6.42
C LYS A 12 -3.59 -6.33 -6.52
N MET A 13 -3.74 -5.68 -5.37
CA MET A 13 -4.08 -4.26 -5.34
C MET A 13 -2.94 -3.42 -5.90
N LEU A 14 -1.71 -3.88 -5.66
CA LEU A 14 -0.53 -3.21 -6.16
C LEU A 14 -0.39 -3.44 -7.67
N GLY A 15 -0.93 -4.55 -8.14
CA GLY A 15 -0.94 -4.85 -9.56
C GLY A 15 -1.77 -3.87 -10.34
N LYS A 16 -2.79 -3.33 -9.68
CA LYS A 16 -3.63 -2.30 -10.24
C LYS A 16 -2.81 -1.05 -10.52
N VAL A 17 -1.84 -0.80 -9.65
CA VAL A 17 -0.94 0.33 -9.79
C VAL A 17 0.06 0.06 -10.91
N PRO A 18 0.18 1.00 -11.86
CA PRO A 18 1.11 0.89 -12.99
C PRO A 18 2.55 0.62 -12.55
N PHE A 19 3.28 -0.09 -13.39
CA PHE A 19 4.59 -0.63 -13.05
C PHE A 19 5.56 0.45 -12.61
N PHE A 20 5.55 1.58 -13.30
CA PHE A 20 6.49 2.66 -13.05
C PHE A 20 6.35 3.21 -11.63
N VAL A 21 5.12 3.46 -11.21
CA VAL A 21 4.87 4.05 -9.91
C VAL A 21 4.61 2.97 -8.87
N ARG A 22 4.55 1.72 -9.32
CA ARG A 22 4.35 0.59 -8.43
C ARG A 22 5.49 0.48 -7.44
N LYS A 23 6.69 0.80 -7.91
CA LYS A 23 7.88 0.84 -7.06
C LYS A 23 7.72 1.91 -5.97
N LYS A 24 7.19 3.06 -6.37
CA LYS A 24 6.97 4.17 -5.45
C LYS A 24 5.95 3.79 -4.39
N VAL A 25 4.78 3.32 -4.84
CA VAL A 25 3.70 2.98 -3.92
C VAL A 25 4.10 1.83 -3.00
N ARG A 26 4.76 0.83 -3.56
CA ARG A 26 5.18 -0.33 -2.77
C ARG A 26 6.12 0.12 -1.65
N LYS A 27 7.01 1.04 -1.97
CA LYS A 27 7.95 1.58 -0.99
C LYS A 27 7.23 2.47 0.02
N ASN A 28 6.17 3.13 -0.43
CA ASN A 28 5.47 4.10 0.39
C ASN A 28 4.69 3.38 1.49
N THR A 29 3.95 2.35 1.09
CA THR A 29 3.23 1.52 2.03
C THR A 29 4.19 0.72 2.90
N ASP A 30 5.32 0.36 2.31
CA ASP A 30 6.37 -0.35 3.02
C ASP A 30 6.79 0.47 4.24
N ASN A 31 6.93 1.79 4.03
CA ASN A 31 7.26 2.70 5.11
C ASN A 31 6.04 2.97 6.00
N TYR A 32 4.85 2.79 5.45
CA TYR A 32 3.63 2.98 6.22
C TYR A 32 3.50 1.87 7.26
N ALA A 33 3.73 0.65 6.82
CA ALA A 33 3.63 -0.52 7.69
C ALA A 33 4.67 -0.46 8.80
N ARG A 34 5.82 0.12 8.51
CA ARG A 34 6.87 0.30 9.51
C ARG A 34 6.39 1.26 10.58
N GLU A 35 5.63 2.26 10.16
CA GLU A 35 5.14 3.29 11.06
C GLU A 35 4.18 2.69 12.09
N ILE A 36 3.33 1.78 11.61
CA ILE A 36 2.33 1.15 12.46
C ILE A 36 2.89 -0.12 13.13
N GLY A 37 4.16 -0.41 12.85
CA GLY A 37 4.79 -1.57 13.43
C GLY A 37 4.20 -2.87 12.92
N GLU A 38 4.15 -3.01 11.61
CA GLU A 38 3.59 -4.18 10.98
C GLU A 38 4.50 -4.66 9.84
N PRO A 39 5.19 -5.79 10.03
CA PRO A 39 6.08 -6.36 9.01
C PRO A 39 5.31 -7.01 7.86
N VAL A 40 4.04 -7.30 8.09
CA VAL A 40 3.20 -7.97 7.11
C VAL A 40 2.17 -7.01 6.52
N VAL A 41 2.39 -6.60 5.29
CA VAL A 41 1.48 -5.68 4.62
C VAL A 41 0.32 -6.45 4.01
N THR A 42 -0.83 -6.38 4.67
CA THR A 42 -2.02 -7.07 4.22
C THR A 42 -3.00 -6.12 3.53
N ALA A 43 -4.14 -6.65 3.07
CA ALA A 43 -5.20 -5.84 2.50
C ALA A 43 -5.62 -4.70 3.44
N ASP A 44 -5.70 -5.00 4.73
CA ASP A 44 -6.09 -4.01 5.72
C ASP A 44 -5.12 -2.84 5.73
N VAL A 45 -3.83 -3.15 5.73
CA VAL A 45 -2.78 -2.14 5.73
C VAL A 45 -2.88 -1.26 4.49
N PHE A 46 -3.06 -1.89 3.33
CA PHE A 46 -3.15 -1.17 2.07
C PHE A 46 -4.45 -0.36 2.00
N ARG A 47 -5.50 -0.86 2.63
CA ARG A 47 -6.77 -0.14 2.69
C ARG A 47 -6.62 1.19 3.42
N LYS A 48 -5.94 1.14 4.57
CA LYS A 48 -5.73 2.33 5.39
C LYS A 48 -4.72 3.27 4.73
N ALA A 49 -3.78 2.69 4.01
CA ALA A 49 -2.67 3.42 3.40
C ALA A 49 -3.12 4.65 2.60
N LYS A 50 -4.20 4.52 1.84
CA LYS A 50 -4.63 5.63 0.96
C LYS A 50 -4.94 6.90 1.75
N GLU A 51 -5.38 6.76 2.99
CA GLU A 51 -5.69 7.92 3.82
C GLU A 51 -4.42 8.59 4.34
N HIS A 52 -3.52 7.77 4.86
CA HIS A 52 -2.32 8.26 5.53
C HIS A 52 -1.23 8.65 4.53
N LEU A 53 -1.20 7.94 3.41
CA LEU A 53 -0.15 8.16 2.41
C LEU A 53 -0.66 9.06 1.29
N GLY A 54 -1.40 8.49 0.37
CA GLY A 54 -1.91 9.24 -0.75
C GLY A 54 -2.85 8.44 -1.61
N GLY A 55 -4.03 9.00 -1.84
CA GLY A 55 -5.02 8.33 -2.66
C GLY A 55 -5.01 8.84 -4.09
N LEU A 56 -4.13 8.28 -4.90
CA LEU A 56 -4.04 8.67 -6.31
C LEU A 56 -4.86 7.70 -7.16
N GLU A 57 -5.53 8.26 -8.18
CA GLU A 57 -6.36 7.49 -9.09
C GLU A 57 -7.46 6.75 -8.34
N HIS A 58 -8.37 7.51 -7.74
CA HIS A 58 -9.43 6.92 -6.96
C HIS A 58 -10.72 6.84 -7.77
N HIS A 59 -10.81 5.81 -8.60
CA HIS A 59 -12.02 5.57 -9.36
C HIS A 59 -12.34 4.08 -9.34
N HIS A 60 -13.61 3.75 -9.21
CA HIS A 60 -14.03 2.36 -9.12
C HIS A 60 -14.18 1.74 -10.49
N HIS A 61 -13.54 0.59 -10.68
CA HIS A 61 -13.69 -0.17 -11.91
C HIS A 61 -14.90 -1.08 -11.78
N HIS A 62 -16.07 -0.47 -11.64
CA HIS A 62 -17.29 -1.20 -11.35
C HIS A 62 -18.49 -0.45 -11.90
N HIS A 63 -19.05 -0.96 -12.98
CA HIS A 63 -20.21 -0.34 -13.61
C HIS A 63 -21.46 -1.13 -13.26
N MET A 1 17.39 -5.95 2.93
CA MET A 1 17.75 -4.56 3.31
C MET A 1 16.78 -4.03 4.36
N GLY A 2 15.49 -4.18 4.08
CA GLY A 2 14.47 -3.73 5.00
C GLY A 2 13.08 -3.95 4.46
N GLU A 3 12.97 -4.76 3.40
CA GLU A 3 11.70 -5.00 2.74
C GLU A 3 10.79 -5.84 3.62
N LEU A 4 9.52 -5.45 3.67
CA LEU A 4 8.53 -6.19 4.44
C LEU A 4 7.82 -7.22 3.57
N SER A 5 7.01 -8.05 4.19
CA SER A 5 6.30 -9.10 3.46
C SER A 5 4.99 -8.58 2.90
N TRP A 6 4.88 -8.56 1.59
CA TRP A 6 3.66 -8.13 0.93
C TRP A 6 2.76 -9.33 0.65
N THR A 7 1.51 -9.23 1.09
CA THR A 7 0.56 -10.31 0.91
C THR A 7 0.00 -10.31 -0.52
N ALA A 8 -0.51 -11.46 -0.95
CA ALA A 8 -1.14 -11.57 -2.25
C ALA A 8 -2.37 -10.67 -2.32
N GLU A 9 -2.99 -10.44 -1.16
CA GLU A 9 -4.11 -9.52 -1.05
C GLU A 9 -3.68 -8.11 -1.44
N ALA A 10 -2.61 -7.63 -0.82
CA ALA A 10 -2.10 -6.30 -1.11
C ALA A 10 -1.59 -6.21 -2.55
N GLU A 11 -0.83 -7.21 -2.96
CA GLU A 11 -0.31 -7.29 -4.33
C GLU A 11 -1.44 -7.34 -5.35
N LYS A 12 -2.57 -7.94 -4.97
CA LYS A 12 -3.73 -8.03 -5.85
C LYS A 12 -4.22 -6.63 -6.23
N MET A 13 -4.30 -5.76 -5.23
CA MET A 13 -4.78 -4.40 -5.44
C MET A 13 -3.70 -3.52 -6.03
N LEU A 14 -2.45 -3.82 -5.67
CA LEU A 14 -1.31 -3.03 -6.12
C LEU A 14 -0.95 -3.38 -7.56
N GLY A 15 -1.23 -4.62 -7.95
CA GLY A 15 -0.91 -5.09 -9.30
C GLY A 15 -1.75 -4.41 -10.36
N LYS A 16 -2.86 -3.81 -9.94
CA LYS A 16 -3.72 -3.08 -10.85
C LYS A 16 -3.08 -1.72 -11.17
N VAL A 17 -2.20 -1.29 -10.28
CA VAL A 17 -1.53 -0.01 -10.39
C VAL A 17 -0.27 -0.13 -11.24
N PRO A 18 -0.12 0.74 -12.26
CA PRO A 18 1.05 0.76 -13.15
C PRO A 18 2.35 0.77 -12.36
N PHE A 19 3.33 0.02 -12.85
CA PHE A 19 4.54 -0.27 -12.10
C PHE A 19 5.33 0.99 -11.77
N PHE A 20 5.24 1.99 -12.64
CA PHE A 20 5.96 3.26 -12.44
C PHE A 20 5.62 3.85 -11.07
N VAL A 21 4.33 4.05 -10.83
CA VAL A 21 3.88 4.62 -9.58
C VAL A 21 3.69 3.53 -8.53
N ARG A 22 3.54 2.28 -9.00
CA ARG A 22 3.42 1.14 -8.10
C ARG A 22 4.65 1.03 -7.21
N LYS A 23 5.81 1.12 -7.84
CA LYS A 23 7.08 1.01 -7.13
C LYS A 23 7.19 2.10 -6.07
N LYS A 24 6.71 3.30 -6.41
CA LYS A 24 6.72 4.42 -5.48
C LYS A 24 5.84 4.14 -4.27
N VAL A 25 4.58 3.79 -4.54
CA VAL A 25 3.61 3.54 -3.48
C VAL A 25 4.04 2.35 -2.63
N ARG A 26 4.52 1.31 -3.29
CA ARG A 26 4.95 0.09 -2.61
C ARG A 26 6.01 0.39 -1.56
N LYS A 27 7.06 1.09 -1.98
CA LYS A 27 8.17 1.46 -1.09
C LYS A 27 7.66 2.34 0.06
N ASN A 28 6.63 3.11 -0.21
CA ASN A 28 6.07 4.02 0.79
C ASN A 28 5.29 3.24 1.83
N THR A 29 4.72 2.12 1.42
CA THR A 29 3.91 1.31 2.31
C THR A 29 4.80 0.47 3.23
N ASP A 30 5.94 0.04 2.71
CA ASP A 30 6.90 -0.68 3.54
C ASP A 30 7.26 0.16 4.75
N ASN A 31 7.56 1.43 4.51
CA ASN A 31 7.84 2.37 5.59
C ASN A 31 6.56 2.73 6.34
N TYR A 32 5.42 2.61 5.67
CA TYR A 32 4.14 2.93 6.29
C TYR A 32 3.78 1.87 7.33
N ALA A 33 3.99 0.61 6.97
CA ALA A 33 3.70 -0.51 7.85
C ALA A 33 4.60 -0.45 9.08
N ARG A 34 5.81 0.05 8.90
CA ARG A 34 6.75 0.21 10.01
C ARG A 34 6.19 1.19 11.04
N GLU A 35 5.49 2.20 10.56
CA GLU A 35 4.96 3.24 11.42
C GLU A 35 3.85 2.71 12.32
N ILE A 36 2.96 1.92 11.74
CA ILE A 36 1.83 1.38 12.48
C ILE A 36 2.20 0.08 13.21
N GLY A 37 3.31 -0.53 12.81
CA GLY A 37 3.78 -1.72 13.49
C GLY A 37 3.33 -3.00 12.83
N GLU A 38 3.42 -3.04 11.51
CA GLU A 38 3.02 -4.22 10.74
C GLU A 38 4.22 -4.80 10.00
N PRO A 39 4.70 -5.98 10.43
CA PRO A 39 5.78 -6.68 9.74
C PRO A 39 5.33 -7.25 8.40
N VAL A 40 4.03 -7.52 8.30
CA VAL A 40 3.44 -8.03 7.07
C VAL A 40 2.44 -7.02 6.51
N VAL A 41 2.66 -6.65 5.25
CA VAL A 41 1.77 -5.69 4.60
C VAL A 41 0.53 -6.42 4.09
N THR A 42 -0.54 -6.33 4.86
CA THR A 42 -1.80 -6.95 4.50
C THR A 42 -2.61 -6.03 3.60
N ALA A 43 -3.72 -6.54 3.08
CA ALA A 43 -4.64 -5.72 2.29
C ALA A 43 -5.12 -4.52 3.11
N ASP A 44 -5.30 -4.75 4.41
CA ASP A 44 -5.79 -3.71 5.31
C ASP A 44 -4.76 -2.60 5.46
N VAL A 45 -3.48 -2.98 5.53
CA VAL A 45 -2.39 -2.02 5.66
C VAL A 45 -2.28 -1.16 4.40
N PHE A 46 -2.30 -1.81 3.24
CA PHE A 46 -2.21 -1.10 1.97
C PHE A 46 -3.45 -0.24 1.74
N ARG A 47 -4.58 -0.72 2.23
CA ARG A 47 -5.84 0.01 2.13
C ARG A 47 -5.76 1.33 2.90
N LYS A 48 -5.24 1.26 4.12
CA LYS A 48 -5.04 2.45 4.94
C LYS A 48 -3.97 3.35 4.32
N ALA A 49 -2.98 2.74 3.69
CA ALA A 49 -1.90 3.48 3.04
C ALA A 49 -2.43 4.40 1.95
N LYS A 50 -3.47 3.95 1.25
CA LYS A 50 -4.07 4.75 0.20
C LYS A 50 -4.57 6.10 0.73
N GLU A 51 -5.00 6.12 1.98
CA GLU A 51 -5.47 7.34 2.60
C GLU A 51 -4.29 8.21 3.02
N HIS A 52 -3.24 7.55 3.50
CA HIS A 52 -2.09 8.24 4.07
C HIS A 52 -1.13 8.74 2.98
N LEU A 53 -1.05 8.03 1.87
CA LEU A 53 -0.10 8.35 0.82
C LEU A 53 -0.71 9.27 -0.24
N GLY A 54 -1.94 9.70 -0.01
CA GLY A 54 -2.59 10.63 -0.92
C GLY A 54 -3.16 9.96 -2.15
N GLY A 55 -3.78 8.81 -1.96
CA GLY A 55 -4.46 8.15 -3.05
C GLY A 55 -5.84 8.73 -3.27
N LEU A 56 -5.89 9.84 -3.98
CA LEU A 56 -7.15 10.54 -4.21
C LEU A 56 -8.11 9.69 -5.03
N GLU A 57 -9.23 9.33 -4.41
CA GLU A 57 -10.27 8.57 -5.08
C GLU A 57 -11.01 9.45 -6.08
N HIS A 58 -11.29 8.90 -7.25
CA HIS A 58 -11.94 9.65 -8.32
C HIS A 58 -13.44 9.68 -8.09
N HIS A 59 -13.93 8.68 -7.35
CA HIS A 59 -15.35 8.58 -7.02
C HIS A 59 -16.18 8.55 -8.30
N HIS A 60 -15.81 7.64 -9.21
CA HIS A 60 -16.48 7.50 -10.51
C HIS A 60 -16.17 8.67 -11.43
N HIS A 61 -15.21 8.46 -12.32
CA HIS A 61 -14.86 9.47 -13.32
C HIS A 61 -16.05 9.77 -14.23
N HIS A 62 -16.09 10.97 -14.77
CA HIS A 62 -17.20 11.40 -15.59
C HIS A 62 -16.82 11.42 -17.06
N HIS A 63 -17.82 11.54 -17.92
CA HIS A 63 -17.58 11.64 -19.35
C HIS A 63 -17.91 13.05 -19.84
N MET A 1 15.82 -8.91 1.58
CA MET A 1 16.32 -7.87 2.52
C MET A 1 15.16 -7.30 3.34
N GLY A 2 15.33 -6.07 3.81
CA GLY A 2 14.31 -5.43 4.62
C GLY A 2 13.18 -4.85 3.80
N GLU A 3 12.52 -5.69 3.02
CA GLU A 3 11.32 -5.30 2.30
C GLU A 3 10.14 -6.01 2.93
N LEU A 4 9.02 -5.32 3.03
CA LEU A 4 7.88 -5.84 3.78
C LEU A 4 7.30 -7.09 3.14
N SER A 5 6.58 -7.87 3.93
CA SER A 5 5.95 -9.07 3.44
C SER A 5 4.58 -8.75 2.86
N TRP A 6 4.44 -8.93 1.56
CA TRP A 6 3.19 -8.62 0.88
C TRP A 6 2.41 -9.89 0.60
N THR A 7 1.13 -9.89 0.95
CA THR A 7 0.28 -11.07 0.75
C THR A 7 -0.29 -11.09 -0.67
N ALA A 8 -1.01 -12.14 -1.00
CA ALA A 8 -1.56 -12.32 -2.33
C ALA A 8 -2.59 -11.24 -2.65
N GLU A 9 -3.40 -10.85 -1.65
CA GLU A 9 -4.38 -9.79 -1.85
C GLU A 9 -3.67 -8.47 -2.06
N ALA A 10 -2.58 -8.27 -1.31
CA ALA A 10 -1.81 -7.03 -1.39
C ALA A 10 -1.22 -6.85 -2.78
N GLU A 11 -0.65 -7.92 -3.33
CA GLU A 11 -0.11 -7.91 -4.68
C GLU A 11 -1.22 -7.67 -5.70
N LYS A 12 -2.42 -8.13 -5.37
CA LYS A 12 -3.59 -7.92 -6.22
C LYS A 12 -4.04 -6.45 -6.12
N MET A 13 -4.05 -5.93 -4.90
CA MET A 13 -4.38 -4.52 -4.66
C MET A 13 -3.36 -3.63 -5.36
N LEU A 14 -2.09 -3.99 -5.22
CA LEU A 14 -1.00 -3.28 -5.87
C LEU A 14 -1.01 -3.57 -7.37
N GLY A 15 -1.81 -4.55 -7.77
CA GLY A 15 -1.94 -4.90 -9.16
C GLY A 15 -2.68 -3.83 -9.94
N LYS A 16 -3.60 -3.15 -9.25
CA LYS A 16 -4.33 -2.03 -9.86
C LYS A 16 -3.39 -0.87 -10.10
N VAL A 17 -2.26 -0.88 -9.41
CA VAL A 17 -1.28 0.18 -9.51
C VAL A 17 -0.21 -0.18 -10.53
N PRO A 18 -0.07 0.63 -11.59
CA PRO A 18 0.93 0.41 -12.64
C PRO A 18 2.34 0.36 -12.06
N PHE A 19 3.16 -0.54 -12.61
CA PHE A 19 4.50 -0.77 -12.10
C PHE A 19 5.38 0.49 -12.11
N PHE A 20 5.00 1.46 -12.95
CA PHE A 20 5.72 2.72 -13.04
C PHE A 20 5.78 3.41 -11.67
N VAL A 21 4.65 3.41 -10.98
CA VAL A 21 4.56 4.04 -9.68
C VAL A 21 4.47 3.01 -8.57
N ARG A 22 4.41 1.74 -8.96
CA ARG A 22 4.32 0.63 -8.02
C ARG A 22 5.53 0.62 -7.08
N LYS A 23 6.70 0.94 -7.63
CA LYS A 23 7.93 1.03 -6.84
C LYS A 23 7.78 2.09 -5.76
N LYS A 24 7.16 3.21 -6.12
CA LYS A 24 6.97 4.32 -5.19
C LYS A 24 5.98 3.93 -4.11
N VAL A 25 4.89 3.28 -4.50
CA VAL A 25 3.85 2.88 -3.56
C VAL A 25 4.42 1.98 -2.47
N ARG A 26 5.22 0.99 -2.87
CA ARG A 26 5.82 0.07 -1.90
C ARG A 26 6.70 0.81 -0.91
N LYS A 27 7.51 1.74 -1.39
CA LYS A 27 8.41 2.49 -0.53
C LYS A 27 7.61 3.38 0.41
N ASN A 28 6.50 3.92 -0.08
CA ASN A 28 5.61 4.75 0.72
C ASN A 28 4.90 3.91 1.78
N THR A 29 4.43 2.73 1.39
CA THR A 29 3.76 1.84 2.32
C THR A 29 4.76 1.28 3.32
N ASP A 30 5.98 1.04 2.86
CA ASP A 30 7.05 0.56 3.73
C ASP A 30 7.21 1.49 4.93
N ASN A 31 7.29 2.78 4.64
CA ASN A 31 7.44 3.79 5.68
C ASN A 31 6.18 3.87 6.53
N TYR A 32 5.02 3.59 5.95
CA TYR A 32 3.77 3.65 6.69
C TYR A 32 3.65 2.46 7.63
N ALA A 33 3.80 1.26 7.09
CA ALA A 33 3.64 0.04 7.86
C ALA A 33 4.74 -0.12 8.91
N ARG A 34 5.96 0.23 8.54
CA ARG A 34 7.08 0.19 9.48
C ARG A 34 6.87 1.17 10.62
N GLU A 35 6.13 2.24 10.34
CA GLU A 35 5.85 3.26 11.33
C GLU A 35 4.82 2.75 12.34
N ILE A 36 3.74 2.16 11.82
CA ILE A 36 2.63 1.72 12.67
C ILE A 36 2.92 0.36 13.30
N GLY A 37 3.86 -0.38 12.73
CA GLY A 37 4.27 -1.64 13.32
C GLY A 37 3.66 -2.85 12.62
N GLU A 38 3.61 -2.81 11.30
CA GLU A 38 3.12 -3.94 10.52
C GLU A 38 4.17 -4.36 9.50
N PRO A 39 4.83 -5.51 9.71
CA PRO A 39 5.83 -6.02 8.78
C PRO A 39 5.20 -6.77 7.60
N VAL A 40 3.89 -6.94 7.68
CA VAL A 40 3.13 -7.65 6.66
C VAL A 40 2.06 -6.74 6.09
N VAL A 41 2.11 -6.53 4.79
CA VAL A 41 1.12 -5.70 4.12
C VAL A 41 0.06 -6.59 3.47
N THR A 42 -1.14 -6.52 4.00
CA THR A 42 -2.28 -7.23 3.43
C THR A 42 -3.15 -6.26 2.64
N ALA A 43 -4.29 -6.74 2.17
CA ALA A 43 -5.28 -5.86 1.52
C ALA A 43 -5.72 -4.79 2.50
N ASP A 44 -5.75 -5.15 3.79
CA ASP A 44 -6.12 -4.22 4.85
C ASP A 44 -5.10 -3.11 4.99
N VAL A 45 -3.83 -3.49 5.12
CA VAL A 45 -2.76 -2.53 5.31
C VAL A 45 -2.64 -1.60 4.10
N PHE A 46 -2.91 -2.14 2.91
CA PHE A 46 -2.86 -1.37 1.69
C PHE A 46 -3.88 -0.23 1.73
N ARG A 47 -5.09 -0.55 2.18
CA ARG A 47 -6.16 0.45 2.29
C ARG A 47 -5.79 1.54 3.30
N LYS A 48 -5.26 1.10 4.44
CA LYS A 48 -4.83 2.00 5.50
C LYS A 48 -3.76 2.96 4.98
N ALA A 49 -2.82 2.42 4.22
CA ALA A 49 -1.71 3.19 3.69
C ALA A 49 -2.19 4.20 2.65
N LYS A 50 -2.98 3.75 1.68
CA LYS A 50 -3.44 4.61 0.59
C LYS A 50 -4.12 5.88 1.10
N GLU A 51 -4.82 5.78 2.22
CA GLU A 51 -5.48 6.93 2.81
C GLU A 51 -4.47 7.99 3.24
N HIS A 52 -3.48 7.57 4.01
CA HIS A 52 -2.48 8.49 4.54
C HIS A 52 -1.52 8.95 3.44
N LEU A 53 -1.16 8.04 2.55
CA LEU A 53 -0.24 8.36 1.46
C LEU A 53 -0.88 9.33 0.48
N GLY A 54 -2.19 9.23 0.33
CA GLY A 54 -2.91 10.14 -0.54
C GLY A 54 -3.76 11.11 0.24
N GLY A 55 -3.26 11.51 1.41
CA GLY A 55 -4.01 12.39 2.28
C GLY A 55 -3.71 13.85 2.03
N LEU A 56 -2.85 14.12 1.04
CA LEU A 56 -2.46 15.48 0.69
C LEU A 56 -3.69 16.34 0.42
N GLU A 57 -4.38 16.05 -0.66
CA GLU A 57 -5.61 16.71 -0.97
C GLU A 57 -6.76 15.90 -0.42
N HIS A 58 -7.08 16.15 0.83
CA HIS A 58 -8.19 15.50 1.51
C HIS A 58 -8.29 16.06 2.91
N HIS A 59 -7.12 16.21 3.54
CA HIS A 59 -6.99 16.95 4.80
C HIS A 59 -7.78 16.31 5.95
N HIS A 60 -8.22 15.08 5.76
CA HIS A 60 -9.12 14.45 6.71
C HIS A 60 -8.37 13.55 7.69
N HIS A 61 -8.41 13.91 8.95
CA HIS A 61 -7.88 13.07 10.02
C HIS A 61 -8.90 11.96 10.30
N HIS A 62 -8.59 10.74 9.88
CA HIS A 62 -9.54 9.63 9.98
C HIS A 62 -9.85 9.32 11.45
N HIS A 63 -11.09 8.90 11.68
CA HIS A 63 -11.52 8.51 13.01
C HIS A 63 -11.78 7.01 13.04
N MET A 1 13.10 -5.80 11.82
CA MET A 1 13.03 -5.34 10.42
C MET A 1 14.00 -6.13 9.55
N GLY A 2 13.43 -6.89 8.62
CA GLY A 2 14.22 -7.66 7.68
C GLY A 2 13.39 -8.00 6.47
N GLU A 3 13.03 -6.98 5.70
CA GLU A 3 12.08 -7.10 4.59
C GLU A 3 10.67 -7.37 5.12
N LEU A 4 9.69 -6.68 4.59
CA LEU A 4 8.31 -6.87 5.04
C LEU A 4 7.64 -7.99 4.27
N SER A 5 6.56 -8.50 4.82
CA SER A 5 5.84 -9.60 4.19
C SER A 5 4.54 -9.11 3.56
N TRP A 6 4.56 -8.93 2.26
CA TRP A 6 3.36 -8.57 1.50
C TRP A 6 2.55 -9.82 1.20
N THR A 7 1.24 -9.74 1.34
CA THR A 7 0.39 -10.88 1.04
C THR A 7 -0.18 -10.76 -0.37
N ALA A 8 -0.84 -11.81 -0.83
CA ALA A 8 -1.41 -11.84 -2.18
C ALA A 8 -2.44 -10.74 -2.36
N GLU A 9 -3.19 -10.46 -1.29
CA GLU A 9 -4.20 -9.41 -1.32
C GLU A 9 -3.55 -8.06 -1.60
N ALA A 10 -2.55 -7.73 -0.79
CA ALA A 10 -1.87 -6.44 -0.90
C ALA A 10 -1.19 -6.29 -2.25
N GLU A 11 -0.48 -7.33 -2.68
CA GLU A 11 0.18 -7.33 -3.97
C GLU A 11 -0.82 -7.11 -5.11
N LYS A 12 -1.99 -7.72 -4.99
CA LYS A 12 -3.03 -7.61 -6.01
C LYS A 12 -3.59 -6.18 -6.04
N MET A 13 -3.81 -5.61 -4.85
CA MET A 13 -4.32 -4.26 -4.73
C MET A 13 -3.28 -3.25 -5.20
N LEU A 14 -2.01 -3.62 -5.05
CA LEU A 14 -0.90 -2.80 -5.53
C LEU A 14 -0.79 -2.88 -7.05
N GLY A 15 -1.43 -3.90 -7.63
CA GLY A 15 -1.42 -4.08 -9.06
C GLY A 15 -2.25 -3.05 -9.79
N LYS A 16 -3.03 -2.27 -9.03
CA LYS A 16 -3.82 -1.19 -9.60
C LYS A 16 -2.92 -0.04 -10.03
N VAL A 17 -1.72 -0.01 -9.48
CA VAL A 17 -0.79 1.07 -9.75
C VAL A 17 0.19 0.65 -10.85
N PRO A 18 0.27 1.44 -11.93
CA PRO A 18 1.19 1.17 -13.05
C PRO A 18 2.62 1.01 -12.58
N PHE A 19 3.30 0.02 -13.14
CA PHE A 19 4.59 -0.44 -12.66
C PHE A 19 5.61 0.69 -12.51
N PHE A 20 5.51 1.70 -13.37
CA PHE A 20 6.45 2.82 -13.37
C PHE A 20 6.47 3.52 -12.01
N VAL A 21 5.31 3.62 -11.39
CA VAL A 21 5.20 4.28 -10.10
C VAL A 21 4.75 3.30 -9.03
N ARG A 22 4.54 2.06 -9.42
CA ARG A 22 4.11 1.02 -8.50
C ARG A 22 5.17 0.78 -7.43
N LYS A 23 6.41 0.64 -7.87
CA LYS A 23 7.55 0.45 -6.97
C LYS A 23 7.71 1.66 -6.05
N LYS A 24 7.37 2.84 -6.59
CA LYS A 24 7.41 4.07 -5.82
C LYS A 24 6.39 3.99 -4.69
N VAL A 25 5.15 3.66 -5.06
CA VAL A 25 4.06 3.54 -4.10
C VAL A 25 4.35 2.42 -3.10
N ARG A 26 4.83 1.28 -3.60
CA ARG A 26 5.10 0.13 -2.74
C ARG A 26 6.08 0.50 -1.63
N LYS A 27 7.16 1.18 -2.01
CA LYS A 27 8.18 1.55 -1.06
C LYS A 27 7.60 2.52 -0.01
N ASN A 28 6.63 3.31 -0.42
CA ASN A 28 5.92 4.18 0.51
C ASN A 28 5.09 3.36 1.49
N THR A 29 4.46 2.29 0.99
CA THR A 29 3.70 1.39 1.85
C THR A 29 4.62 0.59 2.77
N ASP A 30 5.77 0.17 2.25
CA ASP A 30 6.77 -0.50 3.07
C ASP A 30 7.12 0.37 4.26
N ASN A 31 7.31 1.66 3.99
CA ASN A 31 7.58 2.63 5.04
C ASN A 31 6.35 2.85 5.93
N TYR A 32 5.17 2.74 5.33
CA TYR A 32 3.93 2.94 6.08
C TYR A 32 3.73 1.79 7.06
N ALA A 33 4.03 0.59 6.62
CA ALA A 33 3.94 -0.59 7.45
C ALA A 33 4.87 -0.48 8.65
N ARG A 34 6.09 -0.04 8.39
CA ARG A 34 7.07 0.18 9.46
C ARG A 34 6.59 1.27 10.40
N GLU A 35 5.97 2.29 9.81
CA GLU A 35 5.46 3.42 10.56
C GLU A 35 4.43 2.97 11.60
N ILE A 36 3.50 2.13 11.17
CA ILE A 36 2.44 1.66 12.05
C ILE A 36 2.87 0.43 12.85
N GLY A 37 4.02 -0.14 12.49
CA GLY A 37 4.57 -1.26 13.24
C GLY A 37 4.05 -2.61 12.74
N GLU A 38 3.71 -2.68 11.46
CA GLU A 38 3.19 -3.91 10.88
C GLU A 38 4.20 -4.51 9.91
N PRO A 39 4.84 -5.64 10.29
CA PRO A 39 5.81 -6.34 9.44
C PRO A 39 5.14 -7.02 8.24
N VAL A 40 3.83 -7.25 8.36
CA VAL A 40 3.07 -7.89 7.30
C VAL A 40 2.09 -6.91 6.66
N VAL A 41 2.21 -6.71 5.37
CA VAL A 41 1.30 -5.82 4.65
C VAL A 41 0.15 -6.63 4.06
N THR A 42 -1.01 -6.51 4.68
CA THR A 42 -2.21 -7.18 4.23
C THR A 42 -3.06 -6.24 3.38
N ALA A 43 -4.21 -6.71 2.92
CA ALA A 43 -5.16 -5.85 2.24
C ALA A 43 -5.61 -4.76 3.17
N ASP A 44 -5.74 -5.12 4.44
CA ASP A 44 -6.09 -4.17 5.51
C ASP A 44 -5.03 -3.07 5.60
N VAL A 45 -3.77 -3.46 5.72
CA VAL A 45 -2.68 -2.50 5.84
C VAL A 45 -2.61 -1.60 4.61
N PHE A 46 -2.78 -2.19 3.44
CA PHE A 46 -2.74 -1.43 2.20
C PHE A 46 -3.96 -0.51 2.08
N ARG A 47 -5.11 -0.99 2.56
CA ARG A 47 -6.35 -0.23 2.53
C ARG A 47 -6.23 1.05 3.37
N LYS A 48 -5.66 0.91 4.56
CA LYS A 48 -5.43 2.06 5.44
C LYS A 48 -4.43 3.03 4.81
N ALA A 49 -3.48 2.47 4.07
CA ALA A 49 -2.47 3.27 3.39
C ALA A 49 -3.09 4.12 2.30
N LYS A 50 -4.09 3.57 1.61
CA LYS A 50 -4.78 4.30 0.54
C LYS A 50 -5.28 5.64 1.03
N GLU A 51 -5.96 5.60 2.17
CA GLU A 51 -6.51 6.79 2.80
C GLU A 51 -5.39 7.70 3.30
N HIS A 52 -4.34 7.10 3.84
CA HIS A 52 -3.26 7.85 4.46
C HIS A 52 -2.44 8.62 3.42
N LEU A 53 -2.23 8.02 2.27
CA LEU A 53 -1.41 8.62 1.22
C LEU A 53 -2.10 9.86 0.64
N GLY A 54 -3.41 9.91 0.73
CA GLY A 54 -4.14 11.05 0.23
C GLY A 54 -5.46 10.67 -0.38
N GLY A 55 -5.85 11.35 -1.44
CA GLY A 55 -7.12 11.09 -2.07
C GLY A 55 -7.00 10.95 -3.57
N LEU A 56 -5.86 10.48 -4.03
CA LEU A 56 -5.64 10.28 -5.46
C LEU A 56 -6.62 9.24 -6.01
N GLU A 57 -6.82 8.18 -5.25
CA GLU A 57 -7.80 7.16 -5.61
C GLU A 57 -9.04 7.35 -4.77
N HIS A 58 -10.03 8.07 -5.30
CA HIS A 58 -11.20 8.44 -4.53
C HIS A 58 -12.47 7.81 -5.11
N HIS A 59 -12.39 7.35 -6.34
CA HIS A 59 -13.51 6.68 -6.97
C HIS A 59 -13.37 5.17 -6.84
N HIS A 60 -14.31 4.56 -6.13
CA HIS A 60 -14.29 3.11 -5.99
C HIS A 60 -15.68 2.54 -6.28
N HIS A 61 -16.08 2.62 -7.54
CA HIS A 61 -17.33 2.05 -7.99
C HIS A 61 -17.09 0.63 -8.46
N HIS A 62 -15.89 0.42 -9.01
CA HIS A 62 -15.47 -0.90 -9.46
C HIS A 62 -14.00 -0.87 -9.82
N HIS A 63 -13.53 0.27 -10.31
CA HIS A 63 -12.12 0.44 -10.66
C HIS A 63 -11.50 1.59 -9.87
N MET A 1 17.59 -4.71 1.60
CA MET A 1 16.49 -4.13 0.79
C MET A 1 15.27 -3.90 1.65
N GLY A 2 14.51 -2.85 1.33
CA GLY A 2 13.29 -2.56 2.07
C GLY A 2 12.19 -3.52 1.72
N GLU A 3 12.25 -4.71 2.28
CA GLU A 3 11.29 -5.75 1.98
C GLU A 3 10.47 -6.09 3.23
N LEU A 4 9.17 -6.27 3.03
CA LEU A 4 8.28 -6.65 4.09
C LEU A 4 7.48 -7.86 3.66
N SER A 5 6.67 -8.42 4.55
CA SER A 5 5.86 -9.57 4.20
C SER A 5 4.57 -9.13 3.52
N TRP A 6 4.56 -9.23 2.20
CA TRP A 6 3.41 -8.83 1.41
C TRP A 6 2.48 -10.00 1.15
N THR A 7 1.20 -9.75 1.27
CA THR A 7 0.19 -10.76 1.00
C THR A 7 -0.34 -10.62 -0.42
N ALA A 8 -0.91 -11.69 -0.95
CA ALA A 8 -1.46 -11.66 -2.30
C ALA A 8 -2.65 -10.71 -2.38
N GLU A 9 -3.33 -10.54 -1.25
CA GLU A 9 -4.46 -9.63 -1.18
C GLU A 9 -4.03 -8.20 -1.45
N ALA A 10 -2.89 -7.81 -0.89
CA ALA A 10 -2.36 -6.47 -1.08
C ALA A 10 -1.80 -6.32 -2.48
N GLU A 11 -1.16 -7.38 -2.98
CA GLU A 11 -0.54 -7.36 -4.31
C GLU A 11 -1.58 -7.17 -5.40
N LYS A 12 -2.79 -7.67 -5.19
CA LYS A 12 -3.87 -7.52 -6.15
C LYS A 12 -4.24 -6.04 -6.31
N MET A 13 -4.29 -5.32 -5.20
CA MET A 13 -4.63 -3.90 -5.23
C MET A 13 -3.43 -3.08 -5.68
N LEU A 14 -2.23 -3.59 -5.42
CA LEU A 14 -1.00 -2.94 -5.85
C LEU A 14 -0.87 -3.03 -7.37
N GLY A 15 -1.51 -4.05 -7.95
CA GLY A 15 -1.49 -4.24 -9.39
C GLY A 15 -2.28 -3.17 -10.12
N LYS A 16 -3.06 -2.38 -9.38
CA LYS A 16 -3.80 -1.28 -9.97
C LYS A 16 -2.86 -0.11 -10.24
N VAL A 17 -1.68 -0.19 -9.65
CA VAL A 17 -0.67 0.83 -9.81
C VAL A 17 0.34 0.40 -10.89
N PRO A 18 0.53 1.24 -11.91
CA PRO A 18 1.48 0.96 -13.01
C PRO A 18 2.89 0.71 -12.50
N PHE A 19 3.57 -0.23 -13.15
CA PHE A 19 4.87 -0.71 -12.71
C PHE A 19 5.88 0.42 -12.58
N PHE A 20 5.72 1.46 -13.42
CA PHE A 20 6.63 2.60 -13.42
C PHE A 20 6.71 3.24 -12.03
N VAL A 21 5.56 3.37 -11.38
CA VAL A 21 5.50 4.05 -10.09
C VAL A 21 5.15 3.06 -8.98
N ARG A 22 4.89 1.82 -9.34
CA ARG A 22 4.52 0.78 -8.38
C ARG A 22 5.61 0.59 -7.34
N LYS A 23 6.86 0.71 -7.78
CA LYS A 23 8.00 0.61 -6.89
C LYS A 23 7.94 1.68 -5.80
N LYS A 24 7.58 2.89 -6.21
CA LYS A 24 7.52 4.02 -5.29
C LYS A 24 6.34 3.89 -4.33
N VAL A 25 5.22 3.41 -4.84
CA VAL A 25 4.06 3.15 -3.99
C VAL A 25 4.38 2.05 -2.99
N ARG A 26 5.05 1.02 -3.47
CA ARG A 26 5.51 -0.08 -2.62
C ARG A 26 6.48 0.44 -1.56
N LYS A 27 7.32 1.40 -1.94
CA LYS A 27 8.24 2.05 -1.02
C LYS A 27 7.47 2.90 0.00
N ASN A 28 6.37 3.51 -0.45
CA ASN A 28 5.54 4.30 0.44
C ASN A 28 4.86 3.40 1.47
N THR A 29 4.36 2.25 1.04
CA THR A 29 3.78 1.28 1.95
C THR A 29 4.84 0.70 2.86
N ASP A 30 6.04 0.52 2.35
CA ASP A 30 7.19 0.07 3.14
C ASP A 30 7.38 1.00 4.33
N ASN A 31 7.32 2.29 4.06
CA ASN A 31 7.44 3.30 5.11
C ASN A 31 6.18 3.35 5.96
N TYR A 32 5.03 3.06 5.38
CA TYR A 32 3.77 3.12 6.13
C TYR A 32 3.65 1.95 7.09
N ALA A 33 3.97 0.76 6.61
CA ALA A 33 3.92 -0.44 7.42
C ALA A 33 4.89 -0.32 8.59
N ARG A 34 6.06 0.22 8.31
CA ARG A 34 7.06 0.46 9.33
C ARG A 34 6.64 1.61 10.24
N GLU A 35 5.78 2.47 9.74
CA GLU A 35 5.27 3.59 10.51
C GLU A 35 4.31 3.08 11.59
N ILE A 36 3.50 2.09 11.23
CA ILE A 36 2.53 1.51 12.15
C ILE A 36 3.12 0.31 12.90
N GLY A 37 4.33 -0.08 12.52
CA GLY A 37 5.03 -1.14 13.22
C GLY A 37 4.65 -2.54 12.75
N GLU A 38 3.91 -2.61 11.66
CA GLU A 38 3.45 -3.89 11.13
C GLU A 38 4.33 -4.35 9.97
N PRO A 39 5.09 -5.44 10.15
CA PRO A 39 6.01 -5.96 9.15
C PRO A 39 5.30 -6.79 8.07
N VAL A 40 3.98 -6.92 8.20
CA VAL A 40 3.19 -7.69 7.26
C VAL A 40 2.16 -6.79 6.58
N VAL A 41 2.23 -6.70 5.26
CA VAL A 41 1.32 -5.87 4.50
C VAL A 41 0.16 -6.70 3.97
N THR A 42 -0.97 -6.60 4.65
CA THR A 42 -2.19 -7.27 4.22
C THR A 42 -3.05 -6.33 3.39
N ALA A 43 -4.21 -6.80 2.97
CA ALA A 43 -5.17 -5.96 2.29
C ALA A 43 -5.62 -4.83 3.21
N ASP A 44 -5.65 -5.13 4.50
CA ASP A 44 -6.05 -4.15 5.52
C ASP A 44 -5.01 -3.05 5.61
N VAL A 45 -3.74 -3.43 5.62
CA VAL A 45 -2.65 -2.47 5.69
C VAL A 45 -2.62 -1.60 4.44
N PHE A 46 -2.75 -2.21 3.27
CA PHE A 46 -2.74 -1.47 2.02
C PHE A 46 -3.97 -0.57 1.94
N ARG A 47 -5.09 -1.05 2.48
CA ARG A 47 -6.32 -0.27 2.54
C ARG A 47 -6.09 1.01 3.33
N LYS A 48 -5.56 0.86 4.53
CA LYS A 48 -5.27 1.99 5.40
C LYS A 48 -4.27 2.93 4.76
N ALA A 49 -3.34 2.38 3.98
CA ALA A 49 -2.37 3.17 3.24
C ALA A 49 -3.08 4.17 2.34
N LYS A 50 -4.15 3.71 1.67
CA LYS A 50 -4.94 4.57 0.80
C LYS A 50 -5.67 5.66 1.62
N GLU A 51 -6.02 5.32 2.84
CA GLU A 51 -6.71 6.27 3.72
C GLU A 51 -5.72 7.27 4.32
N HIS A 52 -4.53 6.80 4.63
CA HIS A 52 -3.50 7.62 5.28
C HIS A 52 -2.75 8.48 4.27
N LEU A 53 -2.44 7.91 3.12
CA LEU A 53 -1.68 8.62 2.10
C LEU A 53 -2.62 9.38 1.16
N GLY A 54 -3.82 8.83 0.96
CA GLY A 54 -4.79 9.49 0.11
C GLY A 54 -5.76 10.32 0.92
N GLY A 55 -6.71 9.65 1.57
CA GLY A 55 -7.64 10.34 2.44
C GLY A 55 -8.76 11.04 1.70
N LEU A 56 -8.39 11.96 0.81
CA LEU A 56 -9.34 12.78 0.08
C LEU A 56 -10.41 11.93 -0.62
N GLU A 57 -9.98 11.08 -1.53
CA GLU A 57 -10.92 10.28 -2.29
C GLU A 57 -10.69 8.79 -2.10
N HIS A 58 -11.78 8.04 -2.16
CA HIS A 58 -11.75 6.60 -1.99
C HIS A 58 -12.85 5.96 -2.83
N HIS A 59 -12.56 5.79 -4.11
CA HIS A 59 -13.56 5.32 -5.06
C HIS A 59 -13.57 3.80 -5.13
N HIS A 60 -14.51 3.21 -4.41
CA HIS A 60 -14.69 1.77 -4.42
C HIS A 60 -16.18 1.46 -4.25
N HIS A 61 -16.75 0.84 -5.25
CA HIS A 61 -18.18 0.59 -5.28
C HIS A 61 -18.50 -0.78 -4.70
N HIS A 62 -19.25 -0.80 -3.60
CA HIS A 62 -19.64 -2.03 -2.96
C HIS A 62 -20.80 -2.67 -3.71
N HIS A 63 -20.63 -3.91 -4.14
CA HIS A 63 -21.66 -4.63 -4.85
C HIS A 63 -21.42 -6.12 -4.74
N MET A 1 12.50 -7.06 11.46
CA MET A 1 12.85 -8.41 10.95
C MET A 1 13.78 -8.32 9.74
N GLY A 2 13.44 -7.42 8.82
CA GLY A 2 14.24 -7.25 7.62
C GLY A 2 13.44 -6.60 6.52
N GLU A 3 12.87 -7.42 5.65
CA GLU A 3 12.03 -6.93 4.58
C GLU A 3 10.58 -7.18 4.93
N LEU A 4 9.68 -6.40 4.37
CA LEU A 4 8.25 -6.54 4.67
C LEU A 4 7.67 -7.69 3.88
N SER A 5 6.55 -8.20 4.34
CA SER A 5 5.90 -9.32 3.70
C SER A 5 4.54 -8.91 3.17
N TRP A 6 4.43 -8.79 1.86
CA TRP A 6 3.17 -8.44 1.22
C TRP A 6 2.29 -9.66 1.09
N THR A 7 1.00 -9.48 1.32
CA THR A 7 0.04 -10.55 1.19
C THR A 7 -0.48 -10.66 -0.23
N ALA A 8 -1.08 -11.80 -0.56
CA ALA A 8 -1.66 -12.01 -1.88
C ALA A 8 -2.69 -10.95 -2.21
N GLU A 9 -3.45 -10.54 -1.20
CA GLU A 9 -4.48 -9.53 -1.35
C GLU A 9 -3.87 -8.18 -1.67
N ALA A 10 -2.83 -7.81 -0.93
CA ALA A 10 -2.17 -6.53 -1.13
C ALA A 10 -1.54 -6.46 -2.52
N GLU A 11 -0.82 -7.51 -2.90
CA GLU A 11 -0.16 -7.56 -4.20
C GLU A 11 -1.19 -7.58 -5.32
N LYS A 12 -2.32 -8.21 -5.07
CA LYS A 12 -3.40 -8.31 -6.05
C LYS A 12 -3.89 -6.92 -6.46
N MET A 13 -4.01 -6.03 -5.49
CA MET A 13 -4.44 -4.66 -5.75
C MET A 13 -3.28 -3.82 -6.30
N LEU A 14 -2.07 -4.14 -5.85
CA LEU A 14 -0.88 -3.43 -6.31
C LEU A 14 -0.63 -3.70 -7.79
N GLY A 15 -1.12 -4.84 -8.26
CA GLY A 15 -0.99 -5.19 -9.66
C GLY A 15 -1.82 -4.30 -10.57
N LYS A 16 -2.86 -3.68 -10.02
CA LYS A 16 -3.69 -2.75 -10.77
C LYS A 16 -3.00 -1.40 -10.91
N VAL A 17 -1.99 -1.20 -10.09
CA VAL A 17 -1.21 0.02 -10.10
C VAL A 17 -0.08 -0.08 -11.12
N PRO A 18 0.07 0.93 -12.00
CA PRO A 18 1.13 0.97 -13.01
C PRO A 18 2.50 0.64 -12.43
N PHE A 19 3.22 -0.27 -13.07
CA PHE A 19 4.47 -0.78 -12.52
C PHE A 19 5.53 0.32 -12.44
N PHE A 20 5.33 1.40 -13.20
CA PHE A 20 6.21 2.55 -13.14
C PHE A 20 6.18 3.18 -11.75
N VAL A 21 4.99 3.60 -11.34
CA VAL A 21 4.80 4.28 -10.07
C VAL A 21 4.70 3.29 -8.91
N ARG A 22 4.52 2.02 -9.25
CA ARG A 22 4.38 0.96 -8.25
C ARG A 22 5.57 0.93 -7.30
N LYS A 23 6.76 1.21 -7.83
CA LYS A 23 7.98 1.23 -7.01
C LYS A 23 7.89 2.30 -5.93
N LYS A 24 7.31 3.44 -6.28
CA LYS A 24 7.17 4.54 -5.34
C LYS A 24 6.04 4.27 -4.36
N VAL A 25 4.97 3.64 -4.84
CA VAL A 25 3.87 3.24 -3.97
C VAL A 25 4.34 2.23 -2.94
N ARG A 26 5.12 1.25 -3.41
CA ARG A 26 5.68 0.22 -2.55
C ARG A 26 6.56 0.86 -1.47
N LYS A 27 7.37 1.82 -1.89
CA LYS A 27 8.25 2.54 -0.97
C LYS A 27 7.44 3.34 0.06
N ASN A 28 6.32 3.91 -0.39
CA ASN A 28 5.44 4.65 0.50
C ASN A 28 4.84 3.74 1.56
N THR A 29 4.40 2.55 1.15
CA THR A 29 3.87 1.57 2.09
C THR A 29 4.98 1.03 2.99
N ASP A 30 6.19 0.92 2.44
CA ASP A 30 7.35 0.49 3.20
C ASP A 30 7.51 1.35 4.45
N ASN A 31 7.35 2.65 4.26
CA ASN A 31 7.45 3.61 5.35
C ASN A 31 6.26 3.48 6.29
N TYR A 32 5.08 3.26 5.73
CA TYR A 32 3.85 3.25 6.52
C TYR A 32 3.74 1.98 7.37
N ALA A 33 4.04 0.84 6.75
CA ALA A 33 3.90 -0.45 7.43
C ALA A 33 4.82 -0.51 8.64
N ARG A 34 6.02 0.00 8.50
CA ARG A 34 6.98 -0.01 9.60
C ARG A 34 6.58 1.02 10.66
N GLU A 35 5.85 2.05 10.23
CA GLU A 35 5.43 3.12 11.10
C GLU A 35 4.28 2.68 12.00
N ILE A 36 3.42 1.82 11.47
CA ILE A 36 2.30 1.28 12.25
C ILE A 36 2.71 0.01 12.98
N GLY A 37 3.94 -0.43 12.74
CA GLY A 37 4.45 -1.60 13.41
C GLY A 37 3.91 -2.90 12.85
N GLU A 38 3.75 -2.96 11.54
CA GLU A 38 3.23 -4.14 10.88
C GLU A 38 4.17 -4.57 9.76
N PRO A 39 4.83 -5.74 9.92
CA PRO A 39 5.74 -6.28 8.92
C PRO A 39 5.01 -6.93 7.76
N VAL A 40 3.72 -7.19 7.94
CA VAL A 40 2.92 -7.87 6.93
C VAL A 40 1.91 -6.92 6.31
N VAL A 41 2.12 -6.59 5.04
CA VAL A 41 1.22 -5.71 4.32
C VAL A 41 0.01 -6.48 3.81
N THR A 42 -1.10 -6.34 4.51
CA THR A 42 -2.33 -6.99 4.11
C THR A 42 -3.17 -6.06 3.23
N ALA A 43 -4.30 -6.56 2.75
CA ALA A 43 -5.25 -5.72 2.03
C ALA A 43 -5.71 -4.58 2.92
N ASP A 44 -5.81 -4.86 4.21
CA ASP A 44 -6.25 -3.86 5.18
C ASP A 44 -5.17 -2.80 5.39
N VAL A 45 -3.92 -3.25 5.48
CA VAL A 45 -2.79 -2.33 5.61
C VAL A 45 -2.68 -1.44 4.38
N PHE A 46 -2.97 -2.00 3.21
CA PHE A 46 -2.95 -1.26 1.96
C PHE A 46 -4.03 -0.17 1.98
N ARG A 47 -5.18 -0.50 2.57
CA ARG A 47 -6.25 0.47 2.75
C ARG A 47 -5.81 1.60 3.67
N LYS A 48 -5.16 1.22 4.78
CA LYS A 48 -4.64 2.18 5.73
C LYS A 48 -3.63 3.11 5.07
N ALA A 49 -2.78 2.53 4.23
CA ALA A 49 -1.75 3.28 3.53
C ALA A 49 -2.36 4.40 2.68
N LYS A 50 -3.33 4.05 1.85
CA LYS A 50 -3.98 5.04 0.99
C LYS A 50 -4.76 6.06 1.81
N GLU A 51 -5.24 5.65 2.98
CA GLU A 51 -5.96 6.56 3.86
C GLU A 51 -5.02 7.59 4.48
N HIS A 52 -3.93 7.11 5.05
CA HIS A 52 -2.98 7.96 5.74
C HIS A 52 -2.18 8.81 4.76
N LEU A 53 -1.63 8.18 3.74
CA LEU A 53 -0.76 8.88 2.78
C LEU A 53 -1.57 9.74 1.82
N GLY A 54 -2.78 9.29 1.51
CA GLY A 54 -3.62 10.02 0.58
C GLY A 54 -3.18 9.81 -0.85
N GLY A 55 -2.40 10.75 -1.36
CA GLY A 55 -1.85 10.64 -2.70
C GLY A 55 -2.84 11.03 -3.78
N LEU A 56 -3.97 10.34 -3.81
CA LEU A 56 -4.97 10.57 -4.84
C LEU A 56 -6.09 11.46 -4.31
N GLU A 57 -6.42 12.49 -5.08
CA GLU A 57 -7.54 13.37 -4.75
C GLU A 57 -8.86 12.65 -4.98
N HIS A 58 -9.96 13.25 -4.51
CA HIS A 58 -11.28 12.62 -4.58
C HIS A 58 -11.27 11.35 -3.75
N HIS A 59 -10.53 11.41 -2.67
CA HIS A 59 -10.25 10.26 -1.81
C HIS A 59 -11.53 9.68 -1.21
N HIS A 60 -12.52 10.54 -0.99
CA HIS A 60 -13.77 10.10 -0.38
C HIS A 60 -14.63 9.31 -1.36
N HIS A 61 -14.63 8.00 -1.21
CA HIS A 61 -15.46 7.10 -2.01
C HIS A 61 -15.97 5.96 -1.15
N HIS A 62 -17.18 5.50 -1.41
CA HIS A 62 -17.74 4.39 -0.66
C HIS A 62 -18.35 3.36 -1.61
N HIS A 63 -18.67 3.80 -2.81
CA HIS A 63 -19.17 2.92 -3.85
C HIS A 63 -18.30 3.07 -5.09
N MET A 1 12.49 -0.42 3.88
CA MET A 1 12.84 0.08 2.52
C MET A 1 12.57 -0.98 1.48
N GLY A 2 11.98 -0.57 0.36
CA GLY A 2 11.70 -1.49 -0.71
C GLY A 2 10.36 -2.16 -0.54
N GLU A 3 10.31 -3.18 0.32
CA GLU A 3 9.09 -3.94 0.54
C GLU A 3 9.15 -4.71 1.85
N LEU A 4 8.12 -5.52 2.08
CA LEU A 4 7.98 -6.31 3.29
C LEU A 4 7.28 -7.62 2.95
N SER A 5 6.68 -8.26 3.93
CA SER A 5 5.89 -9.45 3.67
C SER A 5 4.56 -9.05 3.04
N TRP A 6 4.46 -9.22 1.73
CA TRP A 6 3.24 -8.85 1.01
C TRP A 6 2.32 -10.05 0.87
N THR A 7 1.03 -9.85 1.15
CA THR A 7 0.07 -10.92 1.06
C THR A 7 -0.61 -10.93 -0.32
N ALA A 8 -1.48 -11.91 -0.53
CA ALA A 8 -2.19 -12.03 -1.79
C ALA A 8 -3.05 -10.81 -2.06
N GLU A 9 -3.79 -10.39 -1.04
CA GLU A 9 -4.70 -9.26 -1.15
C GLU A 9 -3.95 -8.00 -1.53
N ALA A 10 -2.79 -7.81 -0.92
CA ALA A 10 -1.98 -6.62 -1.15
C ALA A 10 -1.41 -6.62 -2.55
N GLU A 11 -0.76 -7.71 -2.95
CA GLU A 11 -0.16 -7.81 -4.27
C GLU A 11 -1.21 -7.72 -5.39
N LYS A 12 -2.41 -8.22 -5.12
CA LYS A 12 -3.49 -8.13 -6.10
C LYS A 12 -3.90 -6.68 -6.32
N MET A 13 -4.05 -5.93 -5.24
CA MET A 13 -4.44 -4.53 -5.33
C MET A 13 -3.28 -3.68 -5.84
N LEU A 14 -2.05 -4.10 -5.51
CA LEU A 14 -0.86 -3.42 -5.99
C LEU A 14 -0.61 -3.75 -7.45
N GLY A 15 -1.26 -4.81 -7.93
CA GLY A 15 -1.16 -5.17 -9.34
C GLY A 15 -1.95 -4.22 -10.21
N LYS A 16 -2.90 -3.54 -9.59
CA LYS A 16 -3.72 -2.54 -10.28
C LYS A 16 -2.88 -1.29 -10.57
N VAL A 17 -1.81 -1.14 -9.82
CA VAL A 17 -0.90 -0.01 -9.98
C VAL A 17 0.17 -0.33 -11.01
N PRO A 18 0.31 0.51 -12.04
CA PRO A 18 1.32 0.33 -13.09
C PRO A 18 2.74 0.50 -12.54
N PHE A 19 3.68 -0.14 -13.23
CA PHE A 19 5.05 -0.26 -12.74
C PHE A 19 5.73 1.10 -12.59
N PHE A 20 5.33 2.07 -13.41
CA PHE A 20 5.95 3.40 -13.39
C PHE A 20 5.96 4.00 -11.99
N VAL A 21 4.84 3.86 -11.29
CA VAL A 21 4.70 4.45 -9.97
C VAL A 21 4.55 3.37 -8.91
N ARG A 22 4.61 2.11 -9.34
CA ARG A 22 4.41 0.98 -8.44
C ARG A 22 5.51 0.94 -7.37
N LYS A 23 6.73 1.30 -7.77
CA LYS A 23 7.85 1.36 -6.83
C LYS A 23 7.64 2.47 -5.81
N LYS A 24 7.03 3.56 -6.27
CA LYS A 24 6.73 4.69 -5.42
C LYS A 24 5.70 4.30 -4.37
N VAL A 25 4.68 3.58 -4.80
CA VAL A 25 3.63 3.11 -3.90
C VAL A 25 4.19 2.14 -2.86
N ARG A 26 5.07 1.24 -3.29
CA ARG A 26 5.68 0.28 -2.38
C ARG A 26 6.48 0.98 -1.30
N LYS A 27 7.17 2.06 -1.65
CA LYS A 27 7.93 2.83 -0.66
C LYS A 27 6.98 3.38 0.41
N ASN A 28 5.85 3.90 -0.03
CA ASN A 28 4.88 4.48 0.89
C ASN A 28 4.30 3.41 1.81
N THR A 29 3.97 2.26 1.27
CA THR A 29 3.45 1.17 2.09
C THR A 29 4.52 0.62 3.02
N ASP A 30 5.75 0.51 2.50
CA ASP A 30 6.87 0.06 3.30
C ASP A 30 7.06 0.98 4.49
N ASN A 31 7.05 2.27 4.22
CA ASN A 31 7.15 3.27 5.27
C ASN A 31 5.94 3.20 6.20
N TYR A 32 4.76 2.90 5.65
CA TYR A 32 3.55 2.90 6.45
C TYR A 32 3.50 1.72 7.40
N ALA A 33 3.80 0.55 6.88
CA ALA A 33 3.77 -0.67 7.66
C ALA A 33 4.72 -0.57 8.85
N ARG A 34 5.94 -0.12 8.58
CA ARG A 34 6.94 0.02 9.63
C ARG A 34 6.58 1.18 10.56
N GLU A 35 5.75 2.08 10.07
CA GLU A 35 5.34 3.24 10.84
C GLU A 35 4.35 2.83 11.93
N ILE A 36 3.53 1.83 11.64
CA ILE A 36 2.52 1.37 12.60
C ILE A 36 2.92 0.06 13.27
N GLY A 37 3.97 -0.59 12.78
CA GLY A 37 4.49 -1.78 13.42
C GLY A 37 4.10 -3.06 12.73
N GLU A 38 3.73 -2.97 11.47
CA GLU A 38 3.33 -4.14 10.69
C GLU A 38 4.48 -4.67 9.86
N PRO A 39 4.92 -5.91 10.11
CA PRO A 39 5.93 -6.58 9.30
C PRO A 39 5.33 -7.13 8.02
N VAL A 40 4.00 -7.29 8.04
CA VAL A 40 3.28 -7.85 6.91
C VAL A 40 2.34 -6.80 6.32
N VAL A 41 2.42 -6.60 5.02
CA VAL A 41 1.54 -5.67 4.33
C VAL A 41 0.32 -6.41 3.82
N THR A 42 -0.77 -6.29 4.54
CA THR A 42 -2.02 -6.94 4.18
C THR A 42 -2.94 -5.98 3.42
N ALA A 43 -4.12 -6.46 3.04
CA ALA A 43 -5.13 -5.60 2.43
C ALA A 43 -5.46 -4.43 3.34
N ASP A 44 -5.56 -4.70 4.64
CA ASP A 44 -5.84 -3.68 5.64
C ASP A 44 -4.78 -2.58 5.59
N VAL A 45 -3.52 -2.99 5.66
CA VAL A 45 -2.40 -2.06 5.67
C VAL A 45 -2.34 -1.27 4.36
N PHE A 46 -2.49 -1.98 3.25
CA PHE A 46 -2.44 -1.35 1.93
C PHE A 46 -3.61 -0.37 1.76
N ARG A 47 -4.74 -0.71 2.35
CA ARG A 47 -5.93 0.12 2.25
C ARG A 47 -5.74 1.42 3.03
N LYS A 48 -5.26 1.29 4.27
CA LYS A 48 -5.01 2.46 5.12
C LYS A 48 -3.92 3.34 4.53
N ALA A 49 -2.94 2.70 3.88
CA ALA A 49 -1.81 3.41 3.27
C ALA A 49 -2.29 4.40 2.20
N LYS A 50 -3.43 4.10 1.59
CA LYS A 50 -3.99 4.97 0.56
C LYS A 50 -4.56 6.24 1.19
N GLU A 51 -5.19 6.09 2.33
CA GLU A 51 -5.79 7.23 3.03
C GLU A 51 -4.72 8.04 3.74
N HIS A 52 -3.80 7.32 4.39
CA HIS A 52 -2.73 7.94 5.16
C HIS A 52 -1.68 8.58 4.25
N LEU A 53 -1.56 8.06 3.04
CA LEU A 53 -0.54 8.51 2.10
C LEU A 53 -1.09 8.61 0.68
N GLY A 54 -1.30 7.46 0.07
CA GLY A 54 -1.73 7.40 -1.30
C GLY A 54 -0.61 7.02 -2.24
N GLY A 55 -0.75 7.37 -3.49
CA GLY A 55 0.27 7.08 -4.49
C GLY A 55 0.01 7.79 -5.79
N LEU A 56 -1.10 7.44 -6.43
CA LEU A 56 -1.52 8.07 -7.66
C LEU A 56 -3.04 8.18 -7.66
N GLU A 57 -3.56 9.31 -7.21
CA GLU A 57 -4.99 9.50 -7.04
C GLU A 57 -5.65 9.99 -8.33
N HIS A 58 -4.88 9.98 -9.42
CA HIS A 58 -5.35 10.41 -10.74
C HIS A 58 -5.47 11.94 -10.78
N HIS A 59 -5.02 12.53 -11.89
CA HIS A 59 -5.09 13.98 -12.10
C HIS A 59 -4.14 14.69 -11.15
N HIS A 60 -2.98 14.08 -10.93
CA HIS A 60 -1.99 14.62 -10.01
C HIS A 60 -1.07 15.62 -10.73
N HIS A 61 -0.43 16.49 -9.97
CA HIS A 61 0.46 17.49 -10.52
C HIS A 61 1.74 16.86 -11.06
N HIS A 62 2.30 17.49 -12.07
CA HIS A 62 3.63 17.13 -12.57
C HIS A 62 4.58 18.26 -12.22
N HIS A 63 4.17 19.46 -12.60
CA HIS A 63 4.83 20.69 -12.21
C HIS A 63 4.01 21.87 -12.71
N MET A 1 16.00 -7.14 6.59
CA MET A 1 14.76 -6.90 5.83
C MET A 1 14.54 -5.41 5.63
N GLY A 2 14.88 -4.91 4.45
CA GLY A 2 14.67 -3.51 4.16
C GLY A 2 13.26 -3.24 3.70
N GLU A 3 12.63 -4.27 3.16
CA GLU A 3 11.26 -4.19 2.71
C GLU A 3 10.40 -5.17 3.49
N LEU A 4 9.10 -5.03 3.42
CA LEU A 4 8.21 -5.86 4.23
C LEU A 4 7.49 -6.90 3.39
N SER A 5 6.71 -7.74 4.06
CA SER A 5 6.02 -8.85 3.41
C SER A 5 4.64 -8.43 2.95
N TRP A 6 4.48 -8.27 1.64
CA TRP A 6 3.20 -7.93 1.06
C TRP A 6 2.39 -9.20 0.80
N THR A 7 1.11 -9.19 1.15
CA THR A 7 0.26 -10.34 0.92
C THR A 7 -0.32 -10.31 -0.49
N ALA A 8 -0.83 -11.45 -0.95
CA ALA A 8 -1.45 -11.54 -2.26
C ALA A 8 -2.64 -10.59 -2.37
N GLU A 9 -3.24 -10.28 -1.23
CA GLU A 9 -4.31 -9.30 -1.17
C GLU A 9 -3.81 -7.97 -1.72
N ALA A 10 -2.68 -7.52 -1.18
CA ALA A 10 -2.10 -6.24 -1.55
C ALA A 10 -1.53 -6.30 -2.96
N GLU A 11 -0.82 -7.39 -3.27
CA GLU A 11 -0.25 -7.59 -4.60
C GLU A 11 -1.34 -7.60 -5.67
N LYS A 12 -2.53 -8.07 -5.31
CA LYS A 12 -3.65 -8.11 -6.23
C LYS A 12 -4.06 -6.69 -6.62
N MET A 13 -4.25 -5.85 -5.61
CA MET A 13 -4.69 -4.47 -5.83
C MET A 13 -3.57 -3.63 -6.41
N LEU A 14 -2.34 -3.94 -6.02
CA LEU A 14 -1.16 -3.23 -6.52
C LEU A 14 -0.85 -3.67 -7.95
N GLY A 15 -1.38 -4.83 -8.33
CA GLY A 15 -1.19 -5.32 -9.68
C GLY A 15 -1.90 -4.46 -10.71
N LYS A 16 -2.89 -3.71 -10.25
CA LYS A 16 -3.62 -2.78 -11.10
C LYS A 16 -2.82 -1.49 -11.25
N VAL A 17 -1.88 -1.29 -10.34
CA VAL A 17 -1.07 -0.09 -10.30
C VAL A 17 0.15 -0.24 -11.21
N PRO A 18 0.33 0.71 -12.15
CA PRO A 18 1.45 0.70 -13.10
C PRO A 18 2.80 0.65 -12.40
N PHE A 19 3.73 -0.10 -12.99
CA PHE A 19 5.05 -0.34 -12.38
C PHE A 19 5.78 0.96 -12.04
N PHE A 20 5.46 2.05 -12.74
CA PHE A 20 6.03 3.35 -12.43
C PHE A 20 5.77 3.73 -10.98
N VAL A 21 4.50 3.96 -10.68
CA VAL A 21 4.10 4.43 -9.37
C VAL A 21 3.96 3.26 -8.40
N ARG A 22 3.98 2.04 -8.94
CA ARG A 22 3.93 0.84 -8.11
C ARG A 22 5.14 0.78 -7.19
N LYS A 23 6.31 1.03 -7.75
CA LYS A 23 7.55 1.07 -6.98
C LYS A 23 7.47 2.17 -5.92
N LYS A 24 6.90 3.29 -6.32
CA LYS A 24 6.76 4.46 -5.45
C LYS A 24 5.84 4.12 -4.29
N VAL A 25 4.71 3.47 -4.58
CA VAL A 25 3.73 3.13 -3.56
C VAL A 25 4.22 1.98 -2.67
N ARG A 26 4.84 0.97 -3.27
CA ARG A 26 5.28 -0.19 -2.51
C ARG A 26 6.24 0.20 -1.39
N LYS A 27 7.29 0.93 -1.75
CA LYS A 27 8.29 1.35 -0.78
C LYS A 27 7.69 2.31 0.24
N ASN A 28 6.69 3.06 -0.19
CA ASN A 28 6.05 4.04 0.68
C ASN A 28 5.29 3.30 1.75
N THR A 29 4.61 2.23 1.36
CA THR A 29 3.86 1.41 2.28
C THR A 29 4.79 0.55 3.14
N ASP A 30 5.91 0.10 2.55
CA ASP A 30 6.92 -0.64 3.31
C ASP A 30 7.36 0.19 4.51
N ASN A 31 7.58 1.47 4.27
CA ASN A 31 7.95 2.38 5.35
C ASN A 31 6.71 2.78 6.16
N TYR A 32 5.54 2.68 5.54
CA TYR A 32 4.29 3.02 6.21
C TYR A 32 3.97 1.99 7.29
N ALA A 33 4.07 0.73 6.94
CA ALA A 33 3.78 -0.34 7.88
C ALA A 33 4.83 -0.35 9.00
N ARG A 34 6.05 0.05 8.67
CA ARG A 34 7.10 0.19 9.67
C ARG A 34 6.74 1.25 10.70
N GLU A 35 6.03 2.27 10.24
CA GLU A 35 5.64 3.38 11.10
C GLU A 35 4.61 2.91 12.11
N ILE A 36 3.63 2.15 11.63
CA ILE A 36 2.55 1.66 12.49
C ILE A 36 2.95 0.39 13.24
N GLY A 37 4.12 -0.14 12.91
CA GLY A 37 4.64 -1.30 13.63
C GLY A 37 4.12 -2.62 13.10
N GLU A 38 3.96 -2.70 11.78
CA GLU A 38 3.42 -3.89 11.14
C GLU A 38 4.43 -4.42 10.12
N PRO A 39 4.93 -5.66 10.32
CA PRO A 39 5.89 -6.27 9.41
C PRO A 39 5.21 -6.94 8.19
N VAL A 40 3.90 -7.10 8.25
CA VAL A 40 3.15 -7.74 7.18
C VAL A 40 2.17 -6.77 6.55
N VAL A 41 2.31 -6.55 5.25
CA VAL A 41 1.45 -5.62 4.55
C VAL A 41 0.26 -6.37 3.95
N THR A 42 -0.84 -6.36 4.67
CA THR A 42 -2.07 -7.01 4.23
C THR A 42 -2.92 -6.04 3.42
N ALA A 43 -4.07 -6.50 2.95
CA ALA A 43 -5.02 -5.63 2.25
C ALA A 43 -5.48 -4.51 3.17
N ASP A 44 -5.62 -4.85 4.44
CA ASP A 44 -6.04 -3.89 5.46
C ASP A 44 -5.01 -2.76 5.59
N VAL A 45 -3.74 -3.13 5.62
CA VAL A 45 -2.65 -2.16 5.71
C VAL A 45 -2.60 -1.30 4.45
N PHE A 46 -2.81 -1.94 3.29
CA PHE A 46 -2.79 -1.23 2.02
C PHE A 46 -3.97 -0.26 1.93
N ARG A 47 -5.10 -0.64 2.52
CA ARG A 47 -6.26 0.23 2.62
C ARG A 47 -5.93 1.47 3.44
N LYS A 48 -5.32 1.25 4.60
CA LYS A 48 -4.92 2.35 5.48
C LYS A 48 -3.91 3.26 4.78
N ALA A 49 -3.05 2.66 3.98
CA ALA A 49 -2.06 3.42 3.22
C ALA A 49 -2.75 4.40 2.27
N LYS A 50 -3.76 3.92 1.55
CA LYS A 50 -4.47 4.75 0.58
C LYS A 50 -5.13 5.95 1.25
N GLU A 51 -5.71 5.74 2.42
CA GLU A 51 -6.36 6.81 3.17
C GLU A 51 -5.33 7.74 3.79
N HIS A 52 -4.26 7.17 4.34
CA HIS A 52 -3.21 7.96 4.99
C HIS A 52 -2.52 8.87 3.99
N LEU A 53 -2.20 8.32 2.81
CA LEU A 53 -1.58 9.09 1.75
C LEU A 53 -2.58 10.06 1.16
N GLY A 54 -3.80 9.58 0.93
CA GLY A 54 -4.83 10.41 0.34
C GLY A 54 -4.81 10.33 -1.18
N GLY A 55 -3.63 10.51 -1.74
CA GLY A 55 -3.45 10.42 -3.17
C GLY A 55 -2.34 11.31 -3.65
N LEU A 56 -2.00 11.19 -4.93
CA LEU A 56 -1.00 12.08 -5.53
C LEU A 56 -1.75 13.22 -6.21
N GLU A 57 -2.84 12.87 -6.85
CA GLU A 57 -3.74 13.84 -7.46
C GLU A 57 -4.96 13.99 -6.58
N HIS A 58 -5.18 15.20 -6.09
CA HIS A 58 -6.21 15.47 -5.10
C HIS A 58 -7.60 15.15 -5.64
N HIS A 59 -8.17 14.04 -5.17
CA HIS A 59 -9.48 13.61 -5.64
C HIS A 59 -10.34 13.09 -4.49
N HIS A 60 -11.36 13.85 -4.14
CA HIS A 60 -12.37 13.43 -3.18
C HIS A 60 -13.74 13.88 -3.67
N HIS A 61 -14.75 13.05 -3.48
CA HIS A 61 -16.06 13.31 -4.07
C HIS A 61 -17.09 13.66 -3.00
N HIS A 62 -17.20 12.82 -1.99
CA HIS A 62 -18.20 13.01 -0.95
C HIS A 62 -17.75 12.24 0.30
N HIS A 63 -18.34 11.07 0.49
CA HIS A 63 -17.97 10.13 1.55
C HIS A 63 -18.96 8.97 1.56
N MET A 1 15.43 -3.76 9.44
CA MET A 1 16.18 -3.30 8.24
C MET A 1 15.21 -3.07 7.08
N GLY A 2 14.68 -4.15 6.53
CA GLY A 2 13.75 -4.06 5.44
C GLY A 2 12.92 -5.31 5.29
N GLU A 3 12.89 -5.86 4.08
CA GLU A 3 12.18 -7.11 3.78
C GLU A 3 10.67 -6.99 3.96
N LEU A 4 10.23 -7.11 5.22
CA LEU A 4 8.81 -7.16 5.55
C LEU A 4 8.15 -8.35 4.84
N SER A 5 6.83 -8.37 4.82
CA SER A 5 6.10 -9.40 4.12
C SER A 5 4.88 -8.80 3.43
N TRP A 6 4.78 -9.01 2.12
CA TRP A 6 3.67 -8.50 1.36
C TRP A 6 2.69 -9.63 1.04
N THR A 7 1.41 -9.39 1.30
CA THR A 7 0.39 -10.38 1.04
C THR A 7 -0.07 -10.31 -0.41
N ALA A 8 -0.64 -11.40 -0.90
CA ALA A 8 -1.19 -11.44 -2.25
C ALA A 8 -2.34 -10.44 -2.36
N GLU A 9 -3.11 -10.30 -1.28
CA GLU A 9 -4.20 -9.35 -1.24
C GLU A 9 -3.71 -7.93 -1.53
N ALA A 10 -2.59 -7.55 -0.91
CA ALA A 10 -2.02 -6.24 -1.13
C ALA A 10 -1.48 -6.13 -2.56
N GLU A 11 -0.85 -7.20 -3.02
CA GLU A 11 -0.30 -7.27 -4.38
C GLU A 11 -1.38 -7.13 -5.44
N LYS A 12 -2.58 -7.61 -5.15
CA LYS A 12 -3.70 -7.52 -6.08
C LYS A 12 -4.10 -6.07 -6.28
N MET A 13 -4.11 -5.29 -5.21
CA MET A 13 -4.48 -3.88 -5.29
C MET A 13 -3.31 -3.04 -5.80
N LEU A 14 -2.10 -3.45 -5.45
CA LEU A 14 -0.91 -2.74 -5.90
C LEU A 14 -0.66 -3.02 -7.38
N GLY A 15 -1.08 -4.20 -7.83
CA GLY A 15 -0.94 -4.58 -9.22
C GLY A 15 -1.88 -3.80 -10.12
N LYS A 16 -2.82 -3.10 -9.50
CA LYS A 16 -3.76 -2.26 -10.21
C LYS A 16 -3.10 -0.93 -10.58
N VAL A 17 -1.91 -0.73 -10.05
CA VAL A 17 -1.14 0.48 -10.27
C VAL A 17 -0.02 0.21 -11.27
N PRO A 18 0.13 1.07 -12.30
CA PRO A 18 1.20 0.92 -13.30
C PRO A 18 2.58 0.83 -12.67
N PHE A 19 3.39 -0.08 -13.20
CA PHE A 19 4.66 -0.45 -12.59
C PHE A 19 5.60 0.74 -12.40
N PHE A 20 5.47 1.73 -13.25
CA PHE A 20 6.33 2.91 -13.22
C PHE A 20 6.29 3.58 -11.86
N VAL A 21 5.09 3.71 -11.30
CA VAL A 21 4.90 4.36 -10.01
C VAL A 21 4.54 3.33 -8.95
N ARG A 22 4.28 2.11 -9.39
CA ARG A 22 3.87 1.03 -8.49
C ARG A 22 4.91 0.76 -7.42
N LYS A 23 6.19 0.75 -7.81
CA LYS A 23 7.27 0.49 -6.87
C LYS A 23 7.42 1.65 -5.87
N LYS A 24 6.98 2.83 -6.27
CA LYS A 24 7.05 4.00 -5.40
C LYS A 24 5.95 3.92 -4.35
N VAL A 25 4.79 3.42 -4.77
CA VAL A 25 3.69 3.18 -3.86
C VAL A 25 4.08 2.09 -2.85
N ARG A 26 4.74 1.06 -3.35
CA ARG A 26 5.22 -0.04 -2.50
C ARG A 26 6.13 0.49 -1.40
N LYS A 27 7.15 1.24 -1.80
CA LYS A 27 8.12 1.79 -0.85
C LYS A 27 7.42 2.68 0.18
N ASN A 28 6.35 3.33 -0.25
CA ASN A 28 5.56 4.18 0.63
C ASN A 28 4.88 3.33 1.70
N THR A 29 4.25 2.24 1.26
CA THR A 29 3.60 1.31 2.19
C THR A 29 4.61 0.59 3.08
N ASP A 30 5.77 0.27 2.52
CA ASP A 30 6.83 -0.39 3.30
C ASP A 30 7.15 0.43 4.54
N ASN A 31 7.27 1.74 4.34
CA ASN A 31 7.57 2.65 5.43
C ASN A 31 6.33 2.90 6.27
N TYR A 32 5.15 2.77 5.68
CA TYR A 32 3.91 2.98 6.42
C TYR A 32 3.72 1.86 7.43
N ALA A 33 3.85 0.63 6.95
CA ALA A 33 3.74 -0.55 7.80
C ALA A 33 4.85 -0.56 8.85
N ARG A 34 6.07 -0.26 8.39
CA ARG A 34 7.22 -0.18 9.27
C ARG A 34 7.00 0.84 10.40
N GLU A 35 6.34 1.95 10.06
CA GLU A 35 6.11 3.03 11.01
C GLU A 35 5.09 2.63 12.06
N ILE A 36 4.00 2.00 11.63
CA ILE A 36 2.94 1.61 12.55
C ILE A 36 3.32 0.33 13.30
N GLY A 37 4.32 -0.38 12.80
CA GLY A 37 4.83 -1.55 13.50
C GLY A 37 4.33 -2.86 12.95
N GLU A 38 3.80 -2.82 11.74
CA GLU A 38 3.27 -4.02 11.10
C GLU A 38 4.29 -4.56 10.10
N PRO A 39 4.83 -5.76 10.36
CA PRO A 39 5.80 -6.39 9.46
C PRO A 39 5.16 -6.97 8.21
N VAL A 40 3.87 -7.27 8.30
CA VAL A 40 3.14 -7.87 7.20
C VAL A 40 2.15 -6.87 6.62
N VAL A 41 2.32 -6.55 5.34
CA VAL A 41 1.43 -5.63 4.65
C VAL A 41 0.25 -6.39 4.07
N THR A 42 -0.87 -6.35 4.77
CA THR A 42 -2.08 -6.99 4.29
C THR A 42 -2.91 -6.01 3.48
N ALA A 43 -4.03 -6.48 2.95
CA ALA A 43 -4.95 -5.62 2.22
C ALA A 43 -5.53 -4.55 3.14
N ASP A 44 -5.69 -4.92 4.41
CA ASP A 44 -6.18 -4.00 5.43
C ASP A 44 -5.21 -2.83 5.56
N VAL A 45 -3.94 -3.17 5.76
CA VAL A 45 -2.88 -2.16 5.89
C VAL A 45 -2.76 -1.33 4.61
N PHE A 46 -2.80 -2.02 3.47
CA PHE A 46 -2.67 -1.35 2.19
C PHE A 46 -3.81 -0.34 1.97
N ARG A 47 -5.03 -0.72 2.34
CA ARG A 47 -6.17 0.19 2.23
C ARG A 47 -5.94 1.42 3.11
N LYS A 48 -5.60 1.18 4.37
CA LYS A 48 -5.37 2.27 5.30
C LYS A 48 -4.27 3.19 4.78
N ALA A 49 -3.23 2.60 4.22
CA ALA A 49 -2.12 3.37 3.69
C ALA A 49 -2.53 4.29 2.54
N LYS A 50 -3.14 3.71 1.50
CA LYS A 50 -3.47 4.48 0.31
C LYS A 50 -4.45 5.60 0.62
N GLU A 51 -5.44 5.31 1.45
CA GLU A 51 -6.47 6.30 1.78
C GLU A 51 -5.94 7.32 2.79
N HIS A 52 -5.00 6.89 3.63
CA HIS A 52 -4.31 7.80 4.54
C HIS A 52 -3.49 8.80 3.73
N LEU A 53 -2.86 8.32 2.68
CA LEU A 53 -2.09 9.16 1.77
C LEU A 53 -3.02 10.06 0.96
N GLY A 54 -4.21 9.55 0.68
CA GLY A 54 -5.21 10.32 -0.04
C GLY A 54 -5.13 10.09 -1.53
N GLY A 55 -3.92 9.96 -2.04
CA GLY A 55 -3.73 9.76 -3.46
C GLY A 55 -3.95 11.03 -4.25
N LEU A 56 -5.20 11.40 -4.42
CA LEU A 56 -5.55 12.58 -5.20
C LEU A 56 -7.01 12.97 -4.96
N GLU A 57 -7.77 12.04 -4.38
CA GLU A 57 -9.19 12.25 -4.10
C GLU A 57 -10.00 12.55 -5.36
N HIS A 58 -10.35 11.49 -6.07
CA HIS A 58 -11.24 11.57 -7.22
C HIS A 58 -12.20 10.39 -7.19
N HIS A 59 -13.39 10.62 -6.63
CA HIS A 59 -14.40 9.58 -6.45
C HIS A 59 -13.88 8.48 -5.54
N HIS A 60 -13.87 8.74 -4.24
CA HIS A 60 -13.43 7.76 -3.25
C HIS A 60 -14.31 6.51 -3.35
N HIS A 61 -13.71 5.41 -3.78
CA HIS A 61 -14.48 4.22 -4.11
C HIS A 61 -14.86 3.41 -2.89
N HIS A 62 -15.75 2.46 -3.10
CA HIS A 62 -16.09 1.47 -2.10
C HIS A 62 -15.16 0.27 -2.28
N HIS A 63 -14.59 0.20 -3.47
CA HIS A 63 -13.63 -0.83 -3.82
C HIS A 63 -12.66 -0.29 -4.88
N MET A 1 15.90 -8.14 4.36
CA MET A 1 15.92 -6.84 5.06
C MET A 1 15.93 -5.71 4.05
N GLY A 2 15.07 -4.73 4.26
CA GLY A 2 14.88 -3.67 3.29
C GLY A 2 13.41 -3.43 3.05
N GLU A 3 12.64 -4.52 3.08
CA GLU A 3 11.20 -4.45 2.95
C GLU A 3 10.55 -5.06 4.19
N LEU A 4 9.23 -5.13 4.20
CA LEU A 4 8.53 -5.79 5.28
C LEU A 4 8.13 -7.21 4.88
N SER A 5 6.88 -7.37 4.46
CA SER A 5 6.36 -8.65 4.04
C SER A 5 5.03 -8.44 3.34
N TRP A 6 5.03 -8.60 2.02
CA TRP A 6 3.86 -8.34 1.22
C TRP A 6 3.08 -9.62 0.92
N THR A 7 1.81 -9.60 1.29
CA THR A 7 0.93 -10.74 1.05
C THR A 7 0.48 -10.78 -0.40
N ALA A 8 -0.09 -11.91 -0.81
CA ALA A 8 -0.60 -12.06 -2.16
C ALA A 8 -1.74 -11.08 -2.41
N GLU A 9 -2.55 -10.87 -1.37
CA GLU A 9 -3.68 -9.95 -1.44
C GLU A 9 -3.22 -8.54 -1.77
N ALA A 10 -2.11 -8.13 -1.16
CA ALA A 10 -1.55 -6.81 -1.38
C ALA A 10 -1.06 -6.67 -2.82
N GLU A 11 -0.34 -7.69 -3.29
CA GLU A 11 0.19 -7.71 -4.65
C GLU A 11 -0.94 -7.68 -5.69
N LYS A 12 -2.06 -8.31 -5.36
CA LYS A 12 -3.21 -8.34 -6.26
C LYS A 12 -3.73 -6.93 -6.53
N MET A 13 -3.82 -6.12 -5.48
CA MET A 13 -4.29 -4.75 -5.65
C MET A 13 -3.17 -3.87 -6.17
N LEU A 14 -1.94 -4.19 -5.82
CA LEU A 14 -0.78 -3.43 -6.28
C LEU A 14 -0.62 -3.60 -7.79
N GLY A 15 -1.06 -4.74 -8.31
CA GLY A 15 -1.03 -4.97 -9.74
C GLY A 15 -1.99 -4.06 -10.50
N LYS A 16 -2.97 -3.52 -9.77
CA LYS A 16 -3.91 -2.58 -10.34
C LYS A 16 -3.25 -1.21 -10.51
N VAL A 17 -2.13 -1.04 -9.82
CA VAL A 17 -1.37 0.19 -9.87
C VAL A 17 -0.31 0.10 -10.96
N PRO A 18 -0.27 1.08 -11.88
CA PRO A 18 0.68 1.09 -13.00
C PRO A 18 2.13 0.96 -12.56
N PHE A 19 2.92 0.23 -13.35
CA PHE A 19 4.34 -0.02 -13.06
C PHE A 19 5.10 1.26 -12.73
N PHE A 20 4.71 2.37 -13.36
CA PHE A 20 5.41 3.63 -13.19
C PHE A 20 5.43 4.06 -11.73
N VAL A 21 4.36 3.77 -11.01
CA VAL A 21 4.22 4.22 -9.63
C VAL A 21 4.03 3.04 -8.69
N ARG A 22 3.99 1.83 -9.23
CA ARG A 22 3.77 0.63 -8.43
C ARG A 22 4.88 0.45 -7.39
N LYS A 23 6.12 0.56 -7.84
CA LYS A 23 7.26 0.43 -6.96
C LYS A 23 7.29 1.58 -5.97
N LYS A 24 6.98 2.78 -6.47
CA LYS A 24 6.91 3.98 -5.65
C LYS A 24 5.92 3.79 -4.50
N VAL A 25 4.71 3.38 -4.84
CA VAL A 25 3.67 3.17 -3.84
C VAL A 25 4.05 2.05 -2.89
N ARG A 26 4.56 0.94 -3.42
CA ARG A 26 4.97 -0.19 -2.60
C ARG A 26 5.96 0.26 -1.54
N LYS A 27 7.01 0.94 -1.99
CA LYS A 27 8.06 1.44 -1.13
C LYS A 27 7.50 2.33 -0.01
N ASN A 28 6.42 3.05 -0.31
CA ASN A 28 5.80 3.94 0.67
C ASN A 28 5.02 3.15 1.71
N THR A 29 4.49 2.02 1.31
CA THR A 29 3.68 1.21 2.21
C THR A 29 4.57 0.45 3.20
N ASP A 30 5.75 0.01 2.74
CA ASP A 30 6.73 -0.62 3.63
C ASP A 30 7.12 0.37 4.71
N ASN A 31 7.21 1.64 4.34
CA ASN A 31 7.49 2.69 5.30
C ASN A 31 6.25 3.04 6.10
N TYR A 32 5.07 2.74 5.54
CA TYR A 32 3.81 2.99 6.23
C TYR A 32 3.60 1.99 7.36
N ALA A 33 3.64 0.71 7.01
CA ALA A 33 3.36 -0.34 7.97
C ALA A 33 4.42 -0.38 9.06
N ARG A 34 5.67 -0.16 8.68
CA ARG A 34 6.78 -0.13 9.63
C ARG A 34 6.60 1.03 10.61
N GLU A 35 5.98 2.10 10.13
CA GLU A 35 5.68 3.28 10.95
C GLU A 35 4.68 2.93 12.06
N ILE A 36 3.60 2.25 11.67
CA ILE A 36 2.52 1.95 12.60
C ILE A 36 2.80 0.68 13.42
N GLY A 37 3.70 -0.14 12.94
CA GLY A 37 4.04 -1.36 13.66
C GLY A 37 3.39 -2.59 13.06
N GLU A 38 3.25 -2.57 11.74
CA GLU A 38 2.64 -3.68 11.02
C GLU A 38 3.70 -4.45 10.24
N PRO A 39 4.04 -5.67 10.69
CA PRO A 39 5.09 -6.49 10.08
C PRO A 39 4.63 -7.16 8.79
N VAL A 40 3.32 -7.30 8.63
CA VAL A 40 2.76 -7.99 7.47
C VAL A 40 1.81 -7.06 6.71
N VAL A 41 2.19 -6.74 5.49
CA VAL A 41 1.39 -5.84 4.66
C VAL A 41 0.28 -6.61 3.94
N THR A 42 -0.94 -6.46 4.45
CA THR A 42 -2.10 -7.09 3.84
C THR A 42 -2.85 -6.09 2.96
N ALA A 43 -3.97 -6.51 2.40
CA ALA A 43 -4.81 -5.61 1.61
C ALA A 43 -5.34 -4.46 2.46
N ASP A 44 -5.60 -4.76 3.73
CA ASP A 44 -6.12 -3.76 4.66
C ASP A 44 -5.10 -2.66 4.87
N VAL A 45 -3.83 -3.05 4.98
CA VAL A 45 -2.74 -2.11 5.18
C VAL A 45 -2.65 -1.13 4.01
N PHE A 46 -2.78 -1.67 2.81
CA PHE A 46 -2.73 -0.85 1.61
C PHE A 46 -3.90 0.14 1.58
N ARG A 47 -5.05 -0.32 2.06
CA ARG A 47 -6.25 0.51 2.14
C ARG A 47 -6.03 1.69 3.09
N LYS A 48 -5.48 1.38 4.25
CA LYS A 48 -5.23 2.38 5.29
C LYS A 48 -4.07 3.31 4.89
N ALA A 49 -3.10 2.78 4.16
CA ALA A 49 -1.94 3.54 3.71
C ALA A 49 -2.37 4.77 2.91
N LYS A 50 -3.39 4.60 2.09
CA LYS A 50 -3.89 5.67 1.24
C LYS A 50 -4.24 6.92 2.05
N GLU A 51 -4.90 6.71 3.19
CA GLU A 51 -5.35 7.81 4.04
C GLU A 51 -4.16 8.58 4.62
N HIS A 52 -3.11 7.84 4.96
CA HIS A 52 -1.93 8.43 5.59
C HIS A 52 -1.01 9.07 4.54
N LEU A 53 -0.87 8.42 3.40
CA LEU A 53 0.04 8.90 2.35
C LEU A 53 -0.56 10.10 1.61
N GLY A 54 -1.83 10.01 1.28
CA GLY A 54 -2.49 11.09 0.56
C GLY A 54 -3.77 10.63 -0.10
N GLY A 55 -4.87 10.76 0.61
CA GLY A 55 -6.14 10.36 0.06
C GLY A 55 -7.22 10.20 1.12
N LEU A 56 -7.56 11.31 1.77
CA LEU A 56 -8.61 11.30 2.79
C LEU A 56 -9.96 11.05 2.14
N GLU A 57 -10.21 11.76 1.05
CA GLU A 57 -11.41 11.56 0.26
C GLU A 57 -11.03 11.60 -1.21
N HIS A 58 -11.90 11.12 -2.09
CA HIS A 58 -11.53 11.00 -3.49
C HIS A 58 -12.35 11.91 -4.40
N HIS A 59 -11.79 13.09 -4.65
CA HIS A 59 -12.29 14.02 -5.66
C HIS A 59 -13.75 14.42 -5.43
N HIS A 60 -13.99 15.12 -4.34
CA HIS A 60 -15.29 15.76 -4.09
C HIS A 60 -15.13 17.02 -3.25
N HIS A 61 -14.01 17.10 -2.52
CA HIS A 61 -13.73 18.25 -1.65
C HIS A 61 -14.74 18.33 -0.52
N HIS A 62 -15.27 17.18 -0.14
CA HIS A 62 -16.24 17.11 0.94
C HIS A 62 -15.53 16.99 2.28
N HIS A 63 -15.68 18.01 3.12
CA HIS A 63 -15.09 18.00 4.45
C HIS A 63 -15.97 18.80 5.40
N MET A 1 11.98 -8.80 5.72
CA MET A 1 13.06 -8.58 6.73
C MET A 1 13.46 -7.11 6.72
N GLY A 2 14.26 -6.72 5.74
CA GLY A 2 14.59 -5.32 5.56
C GLY A 2 13.44 -4.59 4.90
N GLU A 3 12.75 -5.30 4.03
CA GLU A 3 11.53 -4.79 3.41
C GLU A 3 10.36 -5.64 3.86
N LEU A 4 9.28 -4.99 4.26
CA LEU A 4 8.13 -5.68 4.82
C LEU A 4 7.51 -6.65 3.83
N SER A 5 6.93 -7.72 4.36
CA SER A 5 6.34 -8.75 3.54
C SER A 5 4.97 -8.32 3.04
N TRP A 6 4.87 -8.12 1.74
CA TRP A 6 3.58 -7.84 1.10
C TRP A 6 2.87 -9.15 0.79
N THR A 7 1.55 -9.17 1.02
CA THR A 7 0.78 -10.37 0.73
C THR A 7 0.14 -10.29 -0.65
N ALA A 8 -0.41 -11.41 -1.11
CA ALA A 8 -1.09 -11.45 -2.40
C ALA A 8 -2.28 -10.50 -2.40
N GLU A 9 -2.85 -10.27 -1.22
CA GLU A 9 -3.93 -9.30 -1.04
C GLU A 9 -3.46 -7.93 -1.49
N ALA A 10 -2.34 -7.49 -0.91
CA ALA A 10 -1.81 -6.17 -1.17
C ALA A 10 -1.39 -6.01 -2.62
N GLU A 11 -0.72 -7.02 -3.15
CA GLU A 11 -0.25 -6.99 -4.53
C GLU A 11 -1.41 -7.02 -5.52
N LYS A 12 -2.48 -7.69 -5.14
CA LYS A 12 -3.68 -7.73 -5.98
C LYS A 12 -4.28 -6.34 -6.14
N MET A 13 -4.26 -5.57 -5.05
CA MET A 13 -4.77 -4.21 -5.08
C MET A 13 -3.73 -3.26 -5.67
N LEU A 14 -2.47 -3.63 -5.55
CA LEU A 14 -1.37 -2.85 -6.08
C LEU A 14 -1.27 -3.05 -7.60
N GLY A 15 -1.83 -4.16 -8.07
CA GLY A 15 -1.83 -4.45 -9.49
C GLY A 15 -2.65 -3.47 -10.30
N LYS A 16 -3.56 -2.76 -9.63
CA LYS A 16 -4.35 -1.73 -10.28
C LYS A 16 -3.49 -0.50 -10.55
N VAL A 17 -2.40 -0.39 -9.80
CA VAL A 17 -1.50 0.74 -9.91
C VAL A 17 -0.42 0.45 -10.95
N PRO A 18 -0.26 1.35 -11.93
CA PRO A 18 0.75 1.20 -13.00
C PRO A 18 2.15 0.94 -12.43
N PHE A 19 2.87 0.01 -13.07
CA PHE A 19 4.19 -0.42 -12.59
C PHE A 19 5.18 0.74 -12.51
N PHE A 20 4.86 1.85 -13.19
CA PHE A 20 5.71 3.04 -13.18
C PHE A 20 5.91 3.55 -11.75
N VAL A 21 4.83 3.55 -10.99
CA VAL A 21 4.86 4.07 -9.62
C VAL A 21 4.59 2.95 -8.61
N ARG A 22 4.21 1.79 -9.11
CA ARG A 22 3.90 0.63 -8.27
C ARG A 22 5.06 0.29 -7.36
N LYS A 23 6.25 0.22 -7.95
CA LYS A 23 7.46 -0.10 -7.21
C LYS A 23 7.76 0.98 -6.18
N LYS A 24 7.42 2.22 -6.51
CA LYS A 24 7.67 3.36 -5.65
C LYS A 24 6.73 3.32 -4.44
N VAL A 25 5.45 3.03 -4.71
CA VAL A 25 4.44 2.92 -3.66
C VAL A 25 4.84 1.83 -2.67
N ARG A 26 5.40 0.74 -3.18
CA ARG A 26 5.84 -0.37 -2.35
C ARG A 26 6.87 0.10 -1.32
N LYS A 27 7.80 0.94 -1.78
CA LYS A 27 8.84 1.48 -0.91
C LYS A 27 8.24 2.44 0.12
N ASN A 28 7.17 3.14 -0.29
CA ASN A 28 6.55 4.14 0.57
C ASN A 28 5.74 3.47 1.66
N THR A 29 5.12 2.36 1.31
CA THR A 29 4.30 1.62 2.25
C THR A 29 5.16 0.78 3.18
N ASP A 30 6.34 0.37 2.71
CA ASP A 30 7.30 -0.31 3.57
C ASP A 30 7.62 0.55 4.79
N ASN A 31 7.81 1.82 4.52
CA ASN A 31 8.06 2.79 5.58
C ASN A 31 6.75 3.15 6.29
N TYR A 32 5.63 2.98 5.60
CA TYR A 32 4.33 3.32 6.18
C TYR A 32 3.90 2.29 7.22
N ALA A 33 3.88 1.02 6.83
CA ALA A 33 3.40 -0.04 7.69
C ALA A 33 4.31 -0.22 8.90
N ARG A 34 5.60 0.06 8.71
CA ARG A 34 6.58 -0.04 9.79
C ARG A 34 6.26 0.95 10.90
N GLU A 35 5.64 2.07 10.54
CA GLU A 35 5.29 3.10 11.50
C GLU A 35 4.08 2.69 12.34
N ILE A 36 3.21 1.87 11.78
CA ILE A 36 2.03 1.41 12.50
C ILE A 36 2.27 0.05 13.16
N GLY A 37 3.50 -0.44 13.02
CA GLY A 37 3.91 -1.66 13.70
C GLY A 37 3.49 -2.92 12.96
N GLU A 38 3.26 -2.80 11.65
CA GLU A 38 2.85 -3.94 10.84
C GLU A 38 4.01 -4.41 9.96
N PRO A 39 4.63 -5.54 10.32
CA PRO A 39 5.75 -6.10 9.54
C PRO A 39 5.26 -6.77 8.26
N VAL A 40 3.97 -7.02 8.20
CA VAL A 40 3.35 -7.64 7.04
C VAL A 40 2.28 -6.73 6.46
N VAL A 41 2.42 -6.42 5.19
CA VAL A 41 1.48 -5.53 4.51
C VAL A 41 0.35 -6.34 3.89
N THR A 42 -0.75 -6.46 4.62
CA THR A 42 -1.91 -7.19 4.14
C THR A 42 -2.87 -6.26 3.39
N ALA A 43 -4.03 -6.78 3.03
CA ALA A 43 -5.06 -5.98 2.38
C ALA A 43 -5.52 -4.85 3.30
N ASP A 44 -5.62 -5.17 4.58
CA ASP A 44 -6.08 -4.20 5.57
C ASP A 44 -5.08 -3.05 5.70
N VAL A 45 -3.80 -3.41 5.79
CA VAL A 45 -2.73 -2.44 5.93
C VAL A 45 -2.59 -1.57 4.69
N PHE A 46 -2.57 -2.20 3.53
CA PHE A 46 -2.37 -1.48 2.27
C PHE A 46 -3.54 -0.54 1.99
N ARG A 47 -4.73 -0.94 2.41
CA ARG A 47 -5.91 -0.11 2.25
C ARG A 47 -5.77 1.19 3.04
N LYS A 48 -5.22 1.09 4.24
CA LYS A 48 -4.98 2.26 5.09
C LYS A 48 -3.97 3.20 4.43
N ALA A 49 -3.02 2.62 3.71
CA ALA A 49 -2.02 3.41 3.01
C ALA A 49 -2.66 4.35 2.02
N LYS A 50 -3.47 3.80 1.12
CA LYS A 50 -4.17 4.59 0.12
C LYS A 50 -5.10 5.60 0.78
N GLU A 51 -5.75 5.17 1.86
CA GLU A 51 -6.63 6.03 2.62
C GLU A 51 -5.88 7.27 3.12
N HIS A 52 -4.75 7.02 3.77
CA HIS A 52 -3.95 8.10 4.35
C HIS A 52 -3.34 8.99 3.27
N LEU A 53 -2.84 8.38 2.20
CA LEU A 53 -2.17 9.12 1.14
C LEU A 53 -3.15 9.97 0.33
N GLY A 54 -4.43 9.64 0.42
CA GLY A 54 -5.45 10.43 -0.26
C GLY A 54 -6.05 9.68 -1.44
N GLY A 55 -6.71 8.58 -1.16
CA GLY A 55 -7.33 7.79 -2.21
C GLY A 55 -8.76 8.19 -2.46
N LEU A 56 -9.30 7.74 -3.60
CA LEU A 56 -10.68 8.01 -3.99
C LEU A 56 -10.88 9.48 -4.31
N GLU A 57 -10.52 9.86 -5.53
CA GLU A 57 -10.68 11.22 -6.00
C GLU A 57 -11.72 11.23 -7.13
N HIS A 58 -11.40 11.86 -8.27
CA HIS A 58 -12.25 11.77 -9.45
C HIS A 58 -12.17 10.37 -10.02
N HIS A 59 -11.00 9.76 -9.87
CA HIS A 59 -10.79 8.39 -10.30
C HIS A 59 -11.14 7.44 -9.15
N HIS A 60 -12.33 6.87 -9.20
CA HIS A 60 -12.77 5.95 -8.15
C HIS A 60 -13.84 4.99 -8.68
N HIS A 61 -13.40 3.91 -9.32
CA HIS A 61 -14.33 2.91 -9.83
C HIS A 61 -14.53 1.80 -8.81
N HIS A 62 -15.74 1.73 -8.27
CA HIS A 62 -16.07 0.77 -7.24
C HIS A 62 -16.40 -0.59 -7.84
N HIS A 63 -15.37 -1.39 -8.05
CA HIS A 63 -15.52 -2.74 -8.58
C HIS A 63 -14.28 -3.54 -8.26
N MET A 1 17.61 -3.28 -0.23
CA MET A 1 17.45 -2.17 0.74
C MET A 1 16.72 -2.65 1.99
N GLY A 2 15.51 -3.11 1.78
CA GLY A 2 14.65 -3.51 2.87
C GLY A 2 13.21 -3.45 2.46
N GLU A 3 12.53 -4.57 2.50
CA GLU A 3 11.15 -4.63 2.03
C GLU A 3 10.34 -5.62 2.85
N LEU A 4 9.23 -5.15 3.38
CA LEU A 4 8.35 -5.96 4.22
C LEU A 4 7.62 -7.03 3.42
N SER A 5 6.89 -7.89 4.13
CA SER A 5 6.21 -9.00 3.50
C SER A 5 4.83 -8.60 3.01
N TRP A 6 4.73 -8.34 1.71
CA TRP A 6 3.45 -8.06 1.07
C TRP A 6 2.70 -9.35 0.77
N THR A 7 1.44 -9.42 1.18
CA THR A 7 0.63 -10.60 0.91
C THR A 7 -0.10 -10.47 -0.42
N ALA A 8 -0.72 -11.57 -0.86
CA ALA A 8 -1.40 -11.59 -2.15
C ALA A 8 -2.57 -10.62 -2.20
N GLU A 9 -3.22 -10.42 -1.05
CA GLU A 9 -4.32 -9.48 -0.95
C GLU A 9 -3.85 -8.07 -1.31
N ALA A 10 -2.74 -7.67 -0.72
CA ALA A 10 -2.21 -6.33 -0.93
C ALA A 10 -1.72 -6.15 -2.36
N GLU A 11 -0.97 -7.13 -2.85
CA GLU A 11 -0.41 -7.06 -4.20
C GLU A 11 -1.51 -7.10 -5.25
N LYS A 12 -2.62 -7.76 -4.95
CA LYS A 12 -3.77 -7.79 -5.84
C LYS A 12 -4.24 -6.37 -6.17
N MET A 13 -4.28 -5.53 -5.15
CA MET A 13 -4.65 -4.13 -5.33
C MET A 13 -3.47 -3.32 -5.85
N LEU A 14 -2.28 -3.73 -5.45
CA LEU A 14 -1.06 -3.06 -5.89
C LEU A 14 -0.83 -3.25 -7.40
N GLY A 15 -1.31 -4.38 -7.92
CA GLY A 15 -1.19 -4.67 -9.34
C GLY A 15 -2.00 -3.72 -10.19
N LYS A 16 -2.88 -2.97 -9.55
CA LYS A 16 -3.67 -1.95 -10.24
C LYS A 16 -2.85 -0.69 -10.45
N VAL A 17 -1.78 -0.58 -9.69
CA VAL A 17 -0.89 0.56 -9.74
C VAL A 17 0.05 0.44 -10.95
N PRO A 18 0.19 1.50 -11.75
CA PRO A 18 1.08 1.51 -12.92
C PRO A 18 2.50 1.15 -12.54
N PHE A 19 3.20 0.50 -13.46
CA PHE A 19 4.50 -0.06 -13.19
C PHE A 19 5.52 1.00 -12.82
N PHE A 20 5.37 2.18 -13.41
CA PHE A 20 6.30 3.28 -13.18
C PHE A 20 6.27 3.73 -11.72
N VAL A 21 5.10 3.67 -11.11
CA VAL A 21 4.94 4.13 -9.73
C VAL A 21 4.66 2.97 -8.78
N ARG A 22 4.85 1.75 -9.28
CA ARG A 22 4.58 0.55 -8.51
C ARG A 22 5.50 0.48 -7.29
N LYS A 23 6.79 0.68 -7.53
CA LYS A 23 7.79 0.63 -6.48
C LYS A 23 7.61 1.81 -5.52
N LYS A 24 7.16 2.92 -6.07
CA LYS A 24 6.86 4.11 -5.28
C LYS A 24 5.86 3.78 -4.19
N VAL A 25 4.77 3.15 -4.58
CA VAL A 25 3.72 2.78 -3.63
C VAL A 25 4.17 1.61 -2.76
N ARG A 26 4.83 0.64 -3.37
CA ARG A 26 5.26 -0.56 -2.65
C ARG A 26 6.19 -0.18 -1.49
N LYS A 27 7.18 0.66 -1.79
CA LYS A 27 8.13 1.13 -0.79
C LYS A 27 7.46 2.10 0.18
N ASN A 28 6.45 2.81 -0.30
CA ASN A 28 5.81 3.86 0.48
C ASN A 28 4.97 3.24 1.58
N THR A 29 4.24 2.19 1.21
CA THR A 29 3.46 1.44 2.17
C THR A 29 4.38 0.62 3.07
N ASP A 30 5.52 0.21 2.52
CA ASP A 30 6.55 -0.46 3.30
C ASP A 30 6.97 0.44 4.45
N ASN A 31 7.36 1.67 4.10
CA ASN A 31 7.73 2.66 5.09
C ASN A 31 6.53 3.03 5.95
N TYR A 32 5.33 2.86 5.40
CA TYR A 32 4.11 3.16 6.13
C TYR A 32 3.85 2.10 7.20
N ALA A 33 4.01 0.85 6.81
CA ALA A 33 3.77 -0.27 7.71
C ALA A 33 4.79 -0.29 8.84
N ARG A 34 6.02 0.09 8.55
CA ARG A 34 7.05 0.19 9.59
C ARG A 34 6.68 1.25 10.60
N GLU A 35 5.98 2.28 10.13
CA GLU A 35 5.61 3.39 10.96
C GLU A 35 4.47 3.00 11.91
N ILE A 36 3.53 2.23 11.40
CA ILE A 36 2.39 1.80 12.21
C ILE A 36 2.74 0.57 13.04
N GLY A 37 3.80 -0.13 12.65
CA GLY A 37 4.24 -1.30 13.39
C GLY A 37 3.67 -2.59 12.86
N GLU A 38 3.75 -2.77 11.54
CA GLU A 38 3.25 -3.96 10.88
C GLU A 38 4.27 -4.48 9.87
N PRO A 39 4.87 -5.65 10.14
CA PRO A 39 5.86 -6.24 9.22
C PRO A 39 5.22 -6.97 8.05
N VAL A 40 3.93 -7.29 8.18
CA VAL A 40 3.21 -8.03 7.15
C VAL A 40 2.15 -7.14 6.52
N VAL A 41 2.43 -6.69 5.31
CA VAL A 41 1.51 -5.80 4.61
C VAL A 41 0.35 -6.58 4.00
N THR A 42 -0.78 -6.58 4.69
CA THR A 42 -1.97 -7.23 4.20
C THR A 42 -2.86 -6.23 3.46
N ALA A 43 -4.04 -6.68 3.04
CA ALA A 43 -4.96 -5.83 2.28
C ALA A 43 -5.37 -4.60 3.07
N ASP A 44 -5.76 -4.80 4.32
CA ASP A 44 -6.22 -3.71 5.17
C ASP A 44 -5.08 -2.73 5.43
N VAL A 45 -3.88 -3.26 5.62
CA VAL A 45 -2.70 -2.42 5.84
C VAL A 45 -2.40 -1.57 4.61
N PHE A 46 -2.55 -2.15 3.43
CA PHE A 46 -2.33 -1.42 2.19
C PHE A 46 -3.40 -0.36 2.01
N ARG A 47 -4.65 -0.70 2.33
CA ARG A 47 -5.74 0.26 2.21
C ARG A 47 -5.58 1.38 3.23
N LYS A 48 -4.98 1.07 4.38
CA LYS A 48 -4.64 2.09 5.37
C LYS A 48 -3.79 3.18 4.73
N ALA A 49 -2.77 2.75 3.99
CA ALA A 49 -1.88 3.67 3.30
C ALA A 49 -2.65 4.49 2.27
N LYS A 50 -3.50 3.82 1.51
CA LYS A 50 -4.28 4.49 0.47
C LYS A 50 -5.30 5.46 1.08
N GLU A 51 -5.74 5.15 2.29
CA GLU A 51 -6.65 6.01 3.03
C GLU A 51 -5.89 7.23 3.54
N HIS A 52 -4.63 7.01 3.89
CA HIS A 52 -3.76 8.06 4.38
C HIS A 52 -3.25 8.94 3.22
N LEU A 53 -3.05 8.32 2.07
CA LEU A 53 -2.59 9.02 0.88
C LEU A 53 -3.32 8.54 -0.37
N GLY A 54 -4.30 9.32 -0.81
CA GLY A 54 -5.03 8.98 -2.02
C GLY A 54 -4.15 9.03 -3.26
N GLY A 55 -3.57 10.20 -3.50
CA GLY A 55 -2.64 10.36 -4.61
C GLY A 55 -3.34 10.73 -5.89
N LEU A 56 -4.18 9.84 -6.39
CA LEU A 56 -4.92 10.08 -7.61
C LEU A 56 -6.40 10.32 -7.31
N GLU A 57 -7.00 9.37 -6.58
CA GLU A 57 -8.38 9.48 -6.12
C GLU A 57 -9.38 9.52 -7.27
N HIS A 58 -9.04 8.92 -8.39
CA HIS A 58 -9.97 8.81 -9.50
C HIS A 58 -10.92 7.63 -9.22
N HIS A 59 -12.19 7.80 -9.59
CA HIS A 59 -13.23 6.85 -9.20
C HIS A 59 -13.00 5.45 -9.76
N HIS A 60 -13.42 4.44 -8.99
CA HIS A 60 -13.32 3.06 -9.41
C HIS A 60 -14.38 2.23 -8.68
N HIS A 61 -15.57 2.15 -9.26
CA HIS A 61 -16.65 1.36 -8.68
C HIS A 61 -17.02 0.20 -9.59
N HIS A 62 -17.03 -1.00 -9.03
CA HIS A 62 -17.42 -2.23 -9.73
C HIS A 62 -16.42 -2.60 -10.82
N HIS A 63 -15.77 -3.75 -10.63
CA HIS A 63 -14.74 -4.24 -11.55
C HIS A 63 -13.52 -3.32 -11.52
N MET A 1 10.05 -10.31 12.70
CA MET A 1 10.62 -9.16 11.93
C MET A 1 11.61 -9.65 10.90
N GLY A 2 11.98 -8.77 9.98
CA GLY A 2 12.87 -9.13 8.90
C GLY A 2 12.33 -8.66 7.57
N GLU A 3 12.18 -7.35 7.45
CA GLU A 3 11.55 -6.71 6.30
C GLU A 3 10.07 -7.05 6.22
N LEU A 4 9.33 -6.29 5.44
CA LEU A 4 7.89 -6.46 5.40
C LEU A 4 7.50 -7.55 4.41
N SER A 5 6.53 -8.35 4.80
CA SER A 5 5.99 -9.39 3.96
C SER A 5 4.74 -8.88 3.25
N TRP A 6 4.78 -8.84 1.94
CA TRP A 6 3.64 -8.41 1.15
C TRP A 6 2.78 -9.61 0.78
N THR A 7 1.48 -9.48 1.02
CA THR A 7 0.55 -10.57 0.79
C THR A 7 -0.02 -10.54 -0.61
N ALA A 8 -0.67 -11.64 -1.00
CA ALA A 8 -1.30 -11.76 -2.31
C ALA A 8 -2.38 -10.71 -2.48
N GLU A 9 -3.08 -10.41 -1.40
CA GLU A 9 -4.12 -9.38 -1.41
C GLU A 9 -3.52 -7.98 -1.56
N ALA A 10 -2.31 -7.80 -1.04
CA ALA A 10 -1.62 -6.53 -1.15
C ALA A 10 -1.13 -6.31 -2.58
N GLU A 11 -0.43 -7.31 -3.13
CA GLU A 11 0.07 -7.24 -4.50
C GLU A 11 -1.08 -7.11 -5.50
N LYS A 12 -2.21 -7.73 -5.19
CA LYS A 12 -3.38 -7.69 -6.07
C LYS A 12 -3.91 -6.27 -6.20
N MET A 13 -4.04 -5.58 -5.08
CA MET A 13 -4.52 -4.20 -5.09
C MET A 13 -3.44 -3.26 -5.61
N LEU A 14 -2.18 -3.67 -5.44
CA LEU A 14 -1.05 -2.95 -6.01
C LEU A 14 -1.02 -3.14 -7.52
N GLY A 15 -1.73 -4.17 -7.98
CA GLY A 15 -1.84 -4.43 -9.41
C GLY A 15 -2.71 -3.41 -10.10
N LYS A 16 -3.41 -2.61 -9.32
CA LYS A 16 -4.21 -1.54 -9.85
C LYS A 16 -3.31 -0.34 -10.18
N VAL A 17 -2.11 -0.37 -9.63
CA VAL A 17 -1.14 0.70 -9.80
C VAL A 17 -0.24 0.42 -10.99
N PRO A 18 -0.03 1.43 -11.87
CA PRO A 18 0.88 1.30 -13.01
C PRO A 18 2.29 0.92 -12.59
N PHE A 19 2.96 0.15 -13.43
CA PHE A 19 4.25 -0.43 -13.08
C PHE A 19 5.33 0.65 -12.97
N PHE A 20 5.09 1.79 -13.58
CA PHE A 20 6.05 2.89 -13.57
C PHE A 20 6.34 3.34 -12.15
N VAL A 21 5.31 3.33 -11.31
CA VAL A 21 5.44 3.82 -9.94
C VAL A 21 5.10 2.73 -8.92
N ARG A 22 5.13 1.47 -9.37
CA ARG A 22 4.75 0.35 -8.53
C ARG A 22 5.69 0.24 -7.32
N LYS A 23 6.98 0.46 -7.56
CA LYS A 23 7.96 0.42 -6.49
C LYS A 23 7.80 1.62 -5.56
N LYS A 24 7.45 2.76 -6.13
CA LYS A 24 7.21 3.98 -5.37
C LYS A 24 6.07 3.75 -4.37
N VAL A 25 4.97 3.21 -4.86
CA VAL A 25 3.81 2.94 -4.02
C VAL A 25 4.15 1.90 -2.96
N ARG A 26 4.89 0.85 -3.36
CA ARG A 26 5.33 -0.17 -2.42
C ARG A 26 6.14 0.47 -1.29
N LYS A 27 7.05 1.35 -1.69
CA LYS A 27 7.90 2.07 -0.74
C LYS A 27 7.08 2.91 0.23
N ASN A 28 5.94 3.41 -0.24
CA ASN A 28 5.07 4.23 0.59
C ASN A 28 4.46 3.37 1.70
N THR A 29 3.94 2.22 1.31
CA THR A 29 3.32 1.31 2.25
C THR A 29 4.37 0.66 3.15
N ASP A 30 5.55 0.44 2.59
CA ASP A 30 6.66 -0.14 3.35
C ASP A 30 6.99 0.75 4.53
N ASN A 31 6.98 2.06 4.27
CA ASN A 31 7.20 3.04 5.31
C ASN A 31 5.95 3.22 6.17
N TYR A 32 4.80 2.91 5.61
CA TYR A 32 3.54 3.00 6.33
C TYR A 32 3.48 1.92 7.40
N ALA A 33 3.69 0.68 6.98
CA ALA A 33 3.69 -0.45 7.90
C ALA A 33 4.85 -0.32 8.89
N ARG A 34 5.95 0.28 8.43
CA ARG A 34 7.09 0.55 9.29
C ARG A 34 6.72 1.55 10.37
N GLU A 35 5.86 2.49 10.03
CA GLU A 35 5.43 3.52 10.96
C GLU A 35 4.51 2.94 12.04
N ILE A 36 3.54 2.14 11.61
CA ILE A 36 2.59 1.54 12.54
C ILE A 36 3.18 0.33 13.26
N GLY A 37 4.25 -0.24 12.70
CA GLY A 37 4.94 -1.32 13.37
C GLY A 37 4.45 -2.70 12.95
N GLU A 38 3.84 -2.78 11.78
CA GLU A 38 3.33 -4.06 11.27
C GLU A 38 4.32 -4.65 10.26
N PRO A 39 4.77 -5.89 10.49
CA PRO A 39 5.74 -6.56 9.62
C PRO A 39 5.11 -7.21 8.39
N VAL A 40 3.79 -7.24 8.34
CA VAL A 40 3.09 -7.87 7.24
C VAL A 40 2.14 -6.88 6.57
N VAL A 41 2.30 -6.69 5.27
CA VAL A 41 1.44 -5.80 4.52
C VAL A 41 0.30 -6.59 3.88
N THR A 42 -0.86 -6.51 4.50
CA THR A 42 -2.03 -7.22 4.02
C THR A 42 -2.97 -6.29 3.29
N ALA A 43 -4.15 -6.80 2.93
CA ALA A 43 -5.20 -5.97 2.34
C ALA A 43 -5.56 -4.82 3.28
N ASP A 44 -5.54 -5.10 4.58
CA ASP A 44 -5.84 -4.09 5.59
C ASP A 44 -4.84 -2.94 5.53
N VAL A 45 -3.57 -3.29 5.58
CA VAL A 45 -2.50 -2.32 5.63
C VAL A 45 -2.47 -1.46 4.36
N PHE A 46 -2.57 -2.11 3.21
CA PHE A 46 -2.48 -1.39 1.93
C PHE A 46 -3.70 -0.49 1.74
N ARG A 47 -4.87 -0.95 2.18
CA ARG A 47 -6.10 -0.18 2.05
C ARG A 47 -6.02 1.10 2.87
N LYS A 48 -5.64 0.95 4.13
CA LYS A 48 -5.53 2.09 5.04
C LYS A 48 -4.45 3.06 4.58
N ALA A 49 -3.38 2.48 4.04
CA ALA A 49 -2.23 3.27 3.59
C ALA A 49 -2.63 4.27 2.53
N LYS A 50 -3.44 3.85 1.57
CA LYS A 50 -3.80 4.70 0.44
C LYS A 50 -4.44 6.01 0.91
N GLU A 51 -5.23 5.95 1.97
CA GLU A 51 -5.88 7.14 2.50
C GLU A 51 -4.89 7.97 3.33
N HIS A 52 -4.13 7.29 4.18
CA HIS A 52 -3.20 7.97 5.08
C HIS A 52 -2.05 8.61 4.31
N LEU A 53 -1.62 7.95 3.25
CA LEU A 53 -0.51 8.44 2.44
C LEU A 53 -1.01 9.43 1.38
N GLY A 54 -2.30 9.73 1.44
CA GLY A 54 -2.91 10.65 0.48
C GLY A 54 -3.24 9.96 -0.81
N GLY A 55 -2.24 9.36 -1.44
CA GLY A 55 -2.45 8.65 -2.68
C GLY A 55 -2.80 9.58 -3.82
N LEU A 56 -3.69 9.13 -4.69
CA LEU A 56 -4.14 9.91 -5.84
C LEU A 56 -5.26 9.18 -6.57
N GLU A 57 -5.15 7.86 -6.62
CA GLU A 57 -6.12 7.02 -7.28
C GLU A 57 -7.06 6.40 -6.24
N HIS A 58 -8.36 6.41 -6.51
CA HIS A 58 -9.36 5.97 -5.53
C HIS A 58 -10.44 5.12 -6.20
N HIS A 59 -10.14 4.59 -7.37
CA HIS A 59 -11.12 3.82 -8.15
C HIS A 59 -11.51 2.53 -7.42
N HIS A 60 -12.74 2.49 -6.93
CA HIS A 60 -13.24 1.33 -6.24
C HIS A 60 -13.71 0.29 -7.26
N HIS A 61 -14.84 0.59 -7.91
CA HIS A 61 -15.41 -0.26 -8.97
C HIS A 61 -16.72 0.35 -9.46
N HIS A 62 -17.61 0.63 -8.51
CA HIS A 62 -18.90 1.26 -8.79
C HIS A 62 -19.74 0.46 -9.77
N HIS A 63 -20.10 -0.75 -9.36
CA HIS A 63 -21.02 -1.60 -10.11
C HIS A 63 -21.19 -2.92 -9.37
#